data_3OCD
#
_entry.id   3OCD
#
_cell.length_a   47.496
_cell.length_b   66.031
_cell.length_c   85.887
_cell.angle_alpha   112.59
_cell.angle_beta   94.33
_cell.angle_gamma   90.02
#
_symmetry.space_group_name_H-M   'P 1'
#
loop_
_entity.id
_entity.type
_entity.pdbx_description
1 polymer SoxA
2 polymer SoxX
3 non-polymer 'HEME C'
4 water water
#
loop_
_entity_poly.entity_id
_entity_poly.type
_entity_poly.pdbx_seq_one_letter_code
_entity_poly.pdbx_strand_id
1 'polypeptide(L)'
;MRRFAAGCLALALLVLPFVLTGARAAEDESEKEIERYRQMIEDPMANPGFLNVDRGEVLWSEPRGTRNVSLETCDLGEGP
GKLEGAYAHLPRYFADTGKVMDLEQRLLWCMETIQGRDTKPLVAKPFSGPGRTSDMEDLVAFIANKSDGVKIKVALATPQ
EKEMYAIGEALFFRRSSINDFSCSTCHGAAGKRIRLQALPQLDVPGKDAQLTMATWPTYRVSQSALRTMQHRMWDMYRQM
RMPAPDYASEAVTALTLYLTKQAEGGELKVPSIKR
;
A,C
2 'polypeptide(L)'
;MRFETLLKRAAQVGALVLLPLAAHAQEASAVDPARVDAVVKTSFTKLPEGWESRLQQDETQRICSVTRNNPSPEQAAAIM
KAEEVRIKFPAGPVLGSWKDGAKVAQNGRGGQFSDPPGTVSGGNCYACHQLDPKEVSYGTLGPSLVGYGRERNFSAEDAK
IAFAKVYDAQASLACSSMPRFGVNGVLTEQQIKDVVAYLFDPESPVNK
;
B,D
#
loop_
_chem_comp.id
_chem_comp.type
_chem_comp.name
_chem_comp.formula
HEC non-polymer 'HEME C' 'C34 H34 Fe N4 O4'
#
# COMPACT_ATOMS: atom_id res chain seq x y z
N ALA A 46 -29.91 -31.62 -18.26
CA ALA A 46 -28.53 -31.04 -18.21
C ALA A 46 -28.45 -29.77 -17.36
N ASN A 47 -29.59 -29.14 -17.09
CA ASN A 47 -29.69 -27.94 -16.24
C ASN A 47 -31.15 -27.43 -16.11
N PRO A 48 -31.67 -27.40 -14.86
CA PRO A 48 -33.02 -26.92 -14.61
C PRO A 48 -33.22 -25.44 -14.96
N GLY A 49 -32.11 -24.72 -15.16
CA GLY A 49 -32.17 -23.31 -15.54
C GLY A 49 -32.50 -23.09 -17.01
N PHE A 50 -32.88 -24.16 -17.70
CA PHE A 50 -33.28 -24.04 -19.10
C PHE A 50 -34.78 -23.80 -19.28
N LEU A 51 -35.50 -23.69 -18.17
CA LEU A 51 -36.86 -23.17 -18.21
C LEU A 51 -36.80 -21.68 -18.50
N ASN A 52 -36.13 -20.93 -17.62
CA ASN A 52 -35.93 -19.49 -17.77
C ASN A 52 -35.44 -19.13 -19.16
N VAL A 53 -34.51 -19.93 -19.67
CA VAL A 53 -34.02 -19.82 -21.04
C VAL A 53 -35.20 -19.77 -22.02
N ASP A 54 -36.11 -20.74 -21.90
CA ASP A 54 -37.24 -20.89 -22.81
C ASP A 54 -38.45 -20.07 -22.40
N ARG A 55 -38.44 -19.54 -21.18
CA ARG A 55 -39.45 -18.58 -20.75
C ARG A 55 -39.07 -17.18 -21.26
N GLY A 56 -37.77 -16.89 -21.31
CA GLY A 56 -37.25 -15.63 -21.85
C GLY A 56 -37.39 -15.53 -23.35
N GLU A 57 -37.31 -16.68 -24.02
CA GLU A 57 -37.57 -16.78 -25.45
C GLU A 57 -39.00 -16.36 -25.76
N VAL A 58 -39.94 -16.75 -24.91
CA VAL A 58 -41.34 -16.38 -25.08
C VAL A 58 -41.51 -14.84 -25.04
N LEU A 59 -41.14 -14.22 -23.91
CA LEU A 59 -41.31 -12.78 -23.69
C LEU A 59 -40.66 -11.87 -24.73
N TRP A 60 -39.55 -12.36 -25.32
CA TRP A 60 -38.85 -11.67 -26.40
C TRP A 60 -39.73 -11.67 -27.66
N SER A 61 -40.46 -12.77 -27.85
CA SER A 61 -41.35 -12.96 -28.98
C SER A 61 -42.70 -12.30 -28.74
N GLU A 62 -43.03 -12.08 -27.48
CA GLU A 62 -44.41 -11.77 -27.10
C GLU A 62 -44.72 -10.27 -27.14
N PRO A 63 -45.63 -9.86 -28.06
CA PRO A 63 -46.10 -8.48 -28.08
C PRO A 63 -46.77 -8.10 -26.78
N ARG A 64 -46.37 -6.96 -26.22
CA ARG A 64 -46.93 -6.45 -24.97
C ARG A 64 -46.95 -4.93 -24.95
N GLY A 65 -47.70 -4.36 -24.01
CA GLY A 65 -47.76 -2.92 -23.80
C GLY A 65 -48.90 -2.23 -24.51
N THR A 66 -48.96 -0.91 -24.38
CA THR A 66 -49.95 -0.10 -25.09
C THR A 66 -49.63 -0.10 -26.58
N ARG A 67 -48.35 -0.17 -26.92
CA ARG A 67 -47.92 -0.21 -28.32
C ARG A 67 -48.00 -1.65 -28.84
N ASN A 68 -48.00 -2.59 -27.91
CA ASN A 68 -48.27 -4.01 -28.18
C ASN A 68 -47.36 -4.61 -29.23
N VAL A 69 -46.07 -4.39 -29.08
CA VAL A 69 -45.06 -5.06 -29.90
C VAL A 69 -44.16 -5.86 -28.98
N SER A 70 -43.37 -6.76 -29.56
CA SER A 70 -42.42 -7.57 -28.82
C SER A 70 -41.09 -6.83 -28.65
N LEU A 71 -40.15 -7.47 -27.96
CA LEU A 71 -38.80 -6.94 -27.79
C LEU A 71 -37.86 -7.54 -28.81
N GLU A 72 -38.44 -8.03 -29.92
CA GLU A 72 -37.66 -8.57 -31.03
C GLU A 72 -36.86 -7.49 -31.75
N THR A 73 -37.26 -6.23 -31.58
CA THR A 73 -36.53 -5.09 -32.16
C THR A 73 -35.80 -4.25 -31.10
N CYS A 74 -35.58 -4.83 -29.91
CA CYS A 74 -34.87 -4.15 -28.83
C CYS A 74 -33.37 -4.21 -29.07
N ASP A 75 -32.72 -3.04 -29.00
CA ASP A 75 -31.29 -2.95 -29.26
C ASP A 75 -30.56 -3.16 -27.94
N LEU A 76 -29.63 -4.11 -27.93
CA LEU A 76 -28.90 -4.45 -26.70
C LEU A 76 -27.42 -4.05 -26.75
N GLY A 77 -27.07 -3.22 -27.72
CA GLY A 77 -25.69 -2.79 -27.91
C GLY A 77 -25.10 -3.27 -29.22
N GLU A 78 -25.47 -4.50 -29.60
CA GLU A 78 -24.95 -5.15 -30.81
C GLU A 78 -25.88 -4.95 -32.00
N GLY A 79 -26.62 -3.83 -32.00
CA GLY A 79 -27.62 -3.56 -33.03
C GLY A 79 -29.01 -4.06 -32.63
N PRO A 80 -30.06 -3.55 -33.30
CA PRO A 80 -31.42 -3.95 -32.98
C PRO A 80 -31.69 -5.42 -33.29
N GLY A 81 -32.34 -6.10 -32.36
CA GLY A 81 -32.70 -7.51 -32.54
C GLY A 81 -31.56 -8.49 -32.29
N LYS A 82 -30.34 -8.07 -32.63
CA LYS A 82 -29.17 -8.93 -32.56
C LYS A 82 -28.79 -9.29 -31.13
N LEU A 83 -29.00 -10.57 -30.80
CA LEU A 83 -28.80 -11.09 -29.46
C LEU A 83 -27.40 -11.66 -29.24
N GLU A 84 -26.71 -11.94 -30.33
CA GLU A 84 -25.44 -12.68 -30.29
C GLU A 84 -24.29 -11.91 -29.63
N GLY A 85 -23.84 -12.43 -28.48
CA GLY A 85 -22.72 -11.86 -27.73
C GLY A 85 -23.01 -10.58 -26.93
N ALA A 86 -24.24 -10.09 -26.99
CA ALA A 86 -24.61 -8.81 -26.36
C ALA A 86 -24.40 -8.75 -24.83
N TYR A 87 -24.52 -9.89 -24.15
CA TYR A 87 -24.31 -9.96 -22.71
C TYR A 87 -22.81 -10.00 -22.39
N ALA A 88 -22.03 -10.51 -23.35
CA ALA A 88 -20.59 -10.64 -23.20
C ALA A 88 -19.91 -9.29 -23.39
N HIS A 89 -20.73 -8.29 -23.66
CA HIS A 89 -20.28 -6.93 -23.95
C HIS A 89 -21.08 -5.94 -23.12
N LEU A 90 -21.84 -6.48 -22.17
CA LEU A 90 -22.64 -5.72 -21.21
C LEU A 90 -22.03 -5.80 -19.79
N PRO A 91 -22.14 -4.70 -19.00
CA PRO A 91 -22.77 -3.40 -19.26
C PRO A 91 -22.00 -2.50 -20.23
N ARG A 92 -22.71 -1.58 -20.90
CA ARG A 92 -22.10 -0.62 -21.82
C ARG A 92 -22.87 0.70 -21.98
N TYR A 93 -22.27 1.62 -22.73
CA TYR A 93 -22.89 2.91 -23.04
C TYR A 93 -23.95 2.79 -24.15
N PHE A 94 -25.11 3.41 -23.93
CA PHE A 94 -26.14 3.51 -24.97
C PHE A 94 -26.44 4.96 -25.32
N ALA A 95 -26.28 5.29 -26.60
CA ALA A 95 -26.46 6.65 -27.09
C ALA A 95 -27.90 7.17 -26.92
N ASP A 96 -28.87 6.26 -27.01
CA ASP A 96 -30.28 6.62 -26.89
C ASP A 96 -30.70 7.09 -25.49
N THR A 97 -29.91 6.75 -24.47
CA THR A 97 -30.09 7.30 -23.12
C THR A 97 -28.96 8.26 -22.73
N GLY A 98 -27.73 7.92 -23.09
CA GLY A 98 -26.58 8.77 -22.80
C GLY A 98 -25.78 8.31 -21.59
N LYS A 99 -26.00 7.06 -21.17
CA LYS A 99 -25.33 6.47 -20.00
C LYS A 99 -24.81 5.05 -20.25
N VAL A 100 -24.15 4.50 -19.23
CA VAL A 100 -23.80 3.09 -19.16
C VAL A 100 -24.99 2.30 -18.61
N MET A 101 -25.15 1.06 -19.06
CA MET A 101 -26.35 0.27 -18.80
C MET A 101 -26.06 -1.23 -18.76
N ASP A 102 -26.65 -1.95 -17.80
CA ASP A 102 -26.53 -3.43 -17.78
C ASP A 102 -27.58 -4.10 -18.69
N LEU A 103 -27.79 -5.40 -18.52
CA LEU A 103 -28.79 -6.12 -19.29
C LEU A 103 -30.22 -5.75 -18.87
N GLU A 104 -30.43 -5.66 -17.56
CA GLU A 104 -31.75 -5.40 -17.01
C GLU A 104 -32.21 -3.96 -17.22
N GLN A 105 -31.35 -2.99 -16.96
CA GLN A 105 -31.67 -1.60 -17.23
C GLN A 105 -32.04 -1.42 -18.71
N ARG A 106 -31.38 -2.20 -19.58
CA ARG A 106 -31.63 -2.14 -21.03
C ARG A 106 -32.98 -2.73 -21.44
N LEU A 107 -33.26 -3.94 -20.95
CA LEU A 107 -34.55 -4.59 -21.17
C LEU A 107 -35.71 -3.70 -20.77
N LEU A 108 -35.58 -3.11 -19.58
CA LEU A 108 -36.58 -2.24 -18.99
C LEU A 108 -36.82 -1.01 -19.86
N TRP A 109 -35.75 -0.44 -20.43
CA TRP A 109 -35.87 0.70 -21.35
C TRP A 109 -36.73 0.33 -22.55
N CYS A 110 -36.44 -0.84 -23.12
CA CYS A 110 -37.17 -1.38 -24.26
C CYS A 110 -38.65 -1.55 -23.93
N MET A 111 -38.93 -2.24 -22.82
CA MET A 111 -40.30 -2.37 -22.33
C MET A 111 -41.06 -1.03 -22.28
N GLU A 112 -40.38 0.05 -21.89
CA GLU A 112 -41.02 1.36 -21.75
C GLU A 112 -41.36 1.92 -23.12
N THR A 113 -40.33 2.10 -23.94
CA THR A 113 -40.46 2.81 -25.21
C THR A 113 -40.97 1.94 -26.35
N ILE A 114 -40.35 0.78 -26.57
CA ILE A 114 -40.74 -0.10 -27.67
C ILE A 114 -42.11 -0.69 -27.35
N GLN A 115 -42.14 -1.69 -26.48
CA GLN A 115 -43.38 -2.37 -26.09
C GLN A 115 -44.45 -1.44 -25.51
N GLY A 116 -44.02 -0.54 -24.63
CA GLY A 116 -44.96 0.24 -23.83
C GLY A 116 -45.48 -0.58 -22.65
N ARG A 117 -44.67 -1.53 -22.18
CA ARG A 117 -45.06 -2.41 -21.07
C ARG A 117 -44.92 -1.71 -19.73
N ASP A 118 -45.89 -1.96 -18.85
CA ASP A 118 -45.88 -1.42 -17.49
C ASP A 118 -44.79 -2.10 -16.65
N THR A 119 -43.60 -1.50 -16.63
CA THR A 119 -42.42 -2.05 -15.93
C THR A 119 -42.48 -1.91 -14.41
N LYS A 120 -43.29 -0.97 -13.92
CA LYS A 120 -43.43 -0.70 -12.48
C LYS A 120 -43.63 -1.94 -11.57
N PRO A 121 -44.46 -2.93 -11.99
CA PRO A 121 -44.54 -4.20 -11.23
C PRO A 121 -43.28 -5.07 -11.27
N LEU A 122 -42.40 -4.83 -12.25
CA LEU A 122 -41.19 -5.65 -12.41
C LEU A 122 -40.00 -5.15 -11.58
N VAL A 123 -39.80 -3.84 -11.55
CA VAL A 123 -38.81 -3.21 -10.70
C VAL A 123 -39.17 -3.43 -9.22
N ALA A 124 -40.38 -3.90 -8.97
CA ALA A 124 -40.85 -4.15 -7.61
C ALA A 124 -40.64 -5.61 -7.19
N LYS A 125 -40.76 -6.53 -8.13
CA LYS A 125 -40.52 -7.96 -7.88
C LYS A 125 -39.55 -8.55 -8.91
N PRO A 126 -38.30 -8.04 -8.93
CA PRO A 126 -37.32 -8.45 -9.93
C PRO A 126 -36.78 -9.87 -9.74
N PHE A 127 -36.99 -10.44 -8.56
CA PHE A 127 -36.42 -11.75 -8.19
C PHE A 127 -37.55 -12.73 -7.88
N SER A 128 -37.52 -13.88 -8.55
CA SER A 128 -38.61 -14.85 -8.53
C SER A 128 -38.85 -15.53 -7.18
N GLY A 129 -40.04 -16.10 -7.01
CA GLY A 129 -40.38 -16.84 -5.81
C GLY A 129 -40.88 -18.22 -6.16
N PRO A 130 -41.25 -19.02 -5.15
CA PRO A 130 -41.93 -20.28 -5.41
C PRO A 130 -43.35 -20.00 -5.91
N GLY A 131 -43.63 -20.46 -7.13
CA GLY A 131 -44.93 -20.23 -7.75
C GLY A 131 -45.05 -18.91 -8.48
N ARG A 132 -43.90 -18.31 -8.80
CA ARG A 132 -43.87 -16.99 -9.44
C ARG A 132 -42.55 -16.70 -10.15
N THR A 133 -42.58 -16.60 -11.47
CA THR A 133 -41.36 -16.35 -12.23
C THR A 133 -40.96 -14.89 -12.14
N SER A 134 -39.79 -14.60 -12.70
CA SER A 134 -39.28 -13.27 -12.87
C SER A 134 -39.02 -13.15 -14.37
N ASP A 135 -39.79 -12.28 -15.02
CA ASP A 135 -39.56 -11.99 -16.43
C ASP A 135 -38.33 -11.10 -16.61
N MET A 136 -37.60 -10.91 -15.52
CA MET A 136 -36.34 -10.19 -15.58
C MET A 136 -35.15 -11.14 -15.39
N GLU A 137 -35.43 -12.33 -14.85
CA GLU A 137 -34.44 -13.40 -14.72
C GLU A 137 -34.50 -14.38 -15.88
N ASP A 138 -35.67 -14.47 -16.54
CA ASP A 138 -35.84 -15.34 -17.71
C ASP A 138 -35.28 -14.73 -18.99
N LEU A 139 -35.52 -13.45 -19.20
CA LEU A 139 -34.97 -12.74 -20.34
C LEU A 139 -33.44 -12.58 -20.22
N VAL A 140 -32.92 -12.76 -19.01
CA VAL A 140 -31.47 -12.74 -18.75
C VAL A 140 -30.85 -14.10 -19.05
N ALA A 141 -31.60 -15.17 -18.75
CA ALA A 141 -31.19 -16.53 -19.05
C ALA A 141 -31.04 -16.72 -20.54
N PHE A 142 -32.03 -16.24 -21.29
CA PHE A 142 -32.16 -16.44 -22.72
C PHE A 142 -31.11 -15.62 -23.47
N ILE A 143 -31.10 -14.31 -23.19
CA ILE A 143 -30.13 -13.40 -23.77
C ILE A 143 -28.69 -13.79 -23.40
N ALA A 144 -28.50 -14.28 -22.18
CA ALA A 144 -27.19 -14.76 -21.76
C ALA A 144 -26.78 -15.99 -22.59
N ASN A 145 -27.72 -16.90 -22.81
CA ASN A 145 -27.51 -18.10 -23.63
C ASN A 145 -27.22 -17.82 -25.11
N LYS A 146 -27.64 -16.64 -25.59
CA LYS A 146 -27.30 -16.17 -26.94
C LYS A 146 -25.87 -15.61 -26.97
N SER A 147 -25.18 -15.73 -25.85
CA SER A 147 -23.80 -15.28 -25.71
C SER A 147 -22.98 -16.48 -25.20
N ASP A 148 -23.65 -17.63 -25.08
CA ASP A 148 -22.97 -18.86 -24.68
C ASP A 148 -21.83 -19.19 -25.64
N GLY A 149 -20.71 -19.65 -25.09
CA GLY A 149 -19.54 -19.97 -25.90
C GLY A 149 -18.74 -18.75 -26.33
N VAL A 150 -19.25 -17.56 -26.02
CA VAL A 150 -18.56 -16.31 -26.35
C VAL A 150 -17.63 -15.91 -25.18
N LYS A 151 -16.70 -15.00 -25.47
CA LYS A 151 -15.76 -14.53 -24.46
C LYS A 151 -16.17 -13.15 -23.97
N ILE A 152 -15.98 -12.92 -22.66
CA ILE A 152 -16.39 -11.67 -22.06
C ILE A 152 -15.46 -10.56 -22.56
N LYS A 153 -16.08 -9.48 -23.01
CA LYS A 153 -15.38 -8.48 -23.79
C LYS A 153 -16.11 -7.12 -23.70
N VAL A 154 -16.14 -6.56 -22.49
CA VAL A 154 -16.50 -5.15 -22.33
C VAL A 154 -15.28 -4.29 -22.68
N ALA A 155 -15.54 -3.05 -23.05
CA ALA A 155 -14.48 -2.10 -23.43
C ALA A 155 -14.79 -0.70 -22.92
N LEU A 156 -13.75 -0.04 -22.43
CA LEU A 156 -13.86 1.33 -21.99
C LEU A 156 -13.52 2.17 -23.20
N ALA A 157 -14.55 2.69 -23.85
CA ALA A 157 -14.45 3.32 -25.14
C ALA A 157 -14.91 4.79 -25.18
N THR A 158 -15.56 5.25 -24.11
CA THR A 158 -16.08 6.63 -24.04
C THR A 158 -15.81 7.26 -22.66
N PRO A 159 -16.04 8.58 -22.51
CA PRO A 159 -15.98 9.23 -21.18
C PRO A 159 -16.95 8.68 -20.14
N GLN A 160 -18.06 8.11 -20.59
CA GLN A 160 -19.08 7.59 -19.69
C GLN A 160 -18.72 6.23 -19.07
N GLU A 161 -18.14 5.34 -19.88
CA GLU A 161 -17.79 3.97 -19.46
C GLU A 161 -16.56 3.89 -18.58
N LYS A 162 -15.56 4.72 -18.87
CA LYS A 162 -14.33 4.78 -18.07
C LYS A 162 -14.64 5.37 -16.70
N GLU A 163 -15.46 6.41 -16.68
CA GLU A 163 -15.95 6.99 -15.43
C GLU A 163 -16.74 5.97 -14.59
N MET A 164 -17.61 5.20 -15.25
CA MET A 164 -18.45 4.21 -14.56
C MET A 164 -17.56 3.17 -13.87
N TYR A 165 -16.72 2.50 -14.66
CA TYR A 165 -15.75 1.50 -14.18
C TYR A 165 -15.00 1.97 -12.96
N ALA A 166 -14.46 3.20 -13.05
CA ALA A 166 -13.73 3.81 -11.94
C ALA A 166 -14.60 3.76 -10.69
N ILE A 167 -15.78 4.37 -10.77
CA ILE A 167 -16.73 4.47 -9.65
C ILE A 167 -17.11 3.08 -9.11
N GLY A 168 -17.08 2.08 -9.97
CA GLY A 168 -17.33 0.69 -9.59
C GLY A 168 -16.16 0.09 -8.82
N GLU A 169 -14.96 0.40 -9.27
CA GLU A 169 -13.72 0.08 -8.55
C GLU A 169 -13.81 0.71 -7.15
N ALA A 170 -14.23 1.97 -7.09
CA ALA A 170 -14.38 2.67 -5.81
C ALA A 170 -15.39 1.97 -4.91
N LEU A 171 -16.55 1.62 -5.48
CA LEU A 171 -17.61 0.95 -4.72
C LEU A 171 -17.23 -0.44 -4.27
N PHE A 172 -16.33 -1.07 -5.04
CA PHE A 172 -15.79 -2.35 -4.66
C PHE A 172 -14.95 -2.24 -3.40
N PHE A 173 -14.16 -1.18 -3.29
CA PHE A 173 -13.31 -0.98 -2.11
C PHE A 173 -13.99 -0.29 -0.93
N ARG A 174 -15.14 0.33 -1.19
CA ARG A 174 -15.80 1.21 -0.22
C ARG A 174 -16.31 0.48 1.04
N ARG A 175 -15.74 0.88 2.18
CA ARG A 175 -16.15 0.37 3.49
C ARG A 175 -17.22 1.30 4.06
N SER A 176 -18.26 0.70 4.66
CA SER A 176 -19.43 1.44 5.13
C SER A 176 -20.35 0.55 5.97
N SER A 177 -21.01 1.16 6.95
CA SER A 177 -22.02 0.51 7.81
C SER A 177 -21.45 -0.23 9.02
N ILE A 178 -22.35 -0.88 9.77
CA ILE A 178 -22.06 -1.43 11.09
C ILE A 178 -21.09 -2.63 11.14
N ASN A 179 -20.83 -3.24 9.99
CA ASN A 179 -19.90 -4.37 9.90
C ASN A 179 -18.61 -4.00 9.15
N ASP A 180 -18.56 -2.77 8.65
CA ASP A 180 -17.40 -2.16 7.96
C ASP A 180 -16.99 -2.88 6.68
N PHE A 181 -17.79 -3.88 6.27
CA PHE A 181 -17.51 -4.69 5.11
C PHE A 181 -17.33 -3.86 3.85
N SER A 182 -16.53 -4.42 2.94
CA SER A 182 -16.52 -4.04 1.54
C SER A 182 -16.45 -5.35 0.79
N CYS A 183 -16.74 -5.33 -0.52
CA CYS A 183 -16.57 -6.53 -1.34
C CYS A 183 -15.12 -7.00 -1.31
N SER A 184 -14.19 -6.05 -1.29
CA SER A 184 -12.76 -6.34 -1.23
C SER A 184 -12.28 -6.92 0.10
N THR A 185 -13.11 -6.81 1.14
CA THR A 185 -12.87 -7.51 2.40
C THR A 185 -12.92 -9.05 2.20
N CYS A 186 -13.76 -9.50 1.29
CA CYS A 186 -13.95 -10.94 1.03
C CYS A 186 -13.53 -11.33 -0.39
N HIS A 187 -13.16 -10.33 -1.17
CA HIS A 187 -12.64 -10.55 -2.52
C HIS A 187 -11.33 -9.80 -2.72
N GLY A 188 -10.58 -9.66 -1.65
CA GLY A 188 -9.33 -8.90 -1.69
C GLY A 188 -8.07 -9.73 -1.56
N ALA A 189 -8.15 -11.00 -1.97
CA ALA A 189 -7.01 -11.92 -2.01
C ALA A 189 -7.42 -13.31 -2.54
N ALA A 190 -6.42 -14.17 -2.67
CA ALA A 190 -6.58 -15.52 -3.20
C ALA A 190 -6.58 -16.55 -2.07
N GLY A 191 -7.11 -17.74 -2.37
CA GLY A 191 -7.02 -18.89 -1.47
C GLY A 191 -7.69 -18.71 -0.13
N LYS A 192 -8.74 -17.89 -0.12
CA LYS A 192 -9.51 -17.60 1.09
CA LYS A 192 -9.49 -17.62 1.10
C LYS A 192 -10.90 -18.20 0.97
N ARG A 193 -11.48 -18.60 2.10
CA ARG A 193 -12.82 -19.17 2.09
C ARG A 193 -13.64 -18.64 3.25
N ILE A 194 -14.93 -18.43 3.01
CA ILE A 194 -15.88 -18.03 4.05
C ILE A 194 -16.63 -19.29 4.46
N ARG A 195 -16.49 -19.66 5.74
CA ARG A 195 -16.79 -21.01 6.21
C ARG A 195 -16.11 -22.00 5.26
N LEU A 196 -16.87 -22.92 4.69
CA LEU A 196 -16.30 -23.90 3.79
C LEU A 196 -16.24 -23.46 2.32
N GLN A 197 -16.99 -22.41 1.98
CA GLN A 197 -17.02 -21.92 0.60
C GLN A 197 -15.87 -20.97 0.28
N ALA A 198 -15.06 -21.38 -0.70
CA ALA A 198 -13.90 -20.63 -1.16
C ALA A 198 -14.31 -19.30 -1.77
N LEU A 199 -13.41 -18.32 -1.74
CA LEU A 199 -13.70 -16.99 -2.27
C LEU A 199 -12.99 -16.72 -3.58
N PRO A 200 -13.74 -16.21 -4.57
CA PRO A 200 -13.09 -15.77 -5.80
C PRO A 200 -12.41 -14.43 -5.58
N GLN A 201 -11.20 -14.29 -6.12
CA GLN A 201 -10.50 -13.02 -6.13
C GLN A 201 -11.08 -12.18 -7.27
N LEU A 202 -11.55 -10.98 -6.92
CA LEU A 202 -12.20 -10.10 -7.89
C LEU A 202 -11.57 -8.70 -7.92
N ASP A 203 -10.59 -8.46 -7.04
CA ASP A 203 -9.86 -7.19 -7.02
C ASP A 203 -8.76 -7.12 -8.07
N VAL A 204 -8.51 -8.25 -8.73
CA VAL A 204 -7.55 -8.31 -9.83
C VAL A 204 -8.14 -9.03 -11.06
N PRO A 205 -7.56 -8.75 -12.25
CA PRO A 205 -7.85 -9.60 -13.41
C PRO A 205 -7.37 -11.02 -13.17
N GLY A 206 -7.86 -11.96 -13.99
CA GLY A 206 -7.40 -13.35 -13.90
C GLY A 206 -8.48 -14.39 -13.68
N LYS A 207 -8.02 -15.62 -13.44
CA LYS A 207 -8.90 -16.80 -13.34
C LYS A 207 -10.25 -16.60 -12.68
N ASP A 208 -10.25 -16.58 -11.35
CA ASP A 208 -11.45 -16.46 -10.53
C ASP A 208 -12.56 -15.60 -11.15
N ALA A 209 -12.22 -14.40 -11.58
CA ALA A 209 -13.19 -13.42 -12.06
C ALA A 209 -13.84 -13.87 -13.37
N GLN A 210 -13.00 -14.07 -14.38
CA GLN A 210 -13.39 -14.73 -15.63
C GLN A 210 -14.40 -15.86 -15.37
N LEU A 211 -13.97 -16.87 -14.61
CA LEU A 211 -14.78 -18.04 -14.25
C LEU A 211 -16.10 -17.67 -13.58
N THR A 212 -16.06 -16.64 -12.72
CA THR A 212 -17.23 -16.12 -12.02
C THR A 212 -18.27 -15.55 -12.97
N MET A 213 -17.87 -14.56 -13.77
CA MET A 213 -18.80 -13.90 -14.69
C MET A 213 -19.17 -14.83 -15.84
N ALA A 214 -18.38 -15.89 -16.01
CA ALA A 214 -18.70 -16.96 -16.95
C ALA A 214 -19.74 -17.91 -16.35
N THR A 215 -19.91 -17.84 -15.04
CA THR A 215 -20.86 -18.69 -14.33
C THR A 215 -22.02 -17.86 -13.80
N TRP A 216 -22.27 -16.73 -14.43
CA TRP A 216 -23.42 -15.89 -14.13
C TRP A 216 -24.01 -15.38 -15.46
N PRO A 217 -25.35 -15.32 -15.56
CA PRO A 217 -26.31 -15.81 -14.57
C PRO A 217 -26.23 -17.32 -14.41
N THR A 218 -26.76 -17.83 -13.32
CA THR A 218 -26.60 -19.21 -12.95
C THR A 218 -27.86 -19.73 -12.28
N TYR A 219 -27.90 -21.05 -12.09
CA TYR A 219 -28.99 -21.68 -11.36
C TYR A 219 -28.45 -22.18 -10.02
N ARG A 220 -29.05 -21.70 -8.94
CA ARG A 220 -28.75 -22.16 -7.57
C ARG A 220 -29.86 -23.07 -7.07
N VAL A 221 -29.51 -24.33 -6.76
CA VAL A 221 -30.49 -25.35 -6.37
C VAL A 221 -31.06 -25.09 -4.98
N SER A 222 -30.23 -24.54 -4.10
CA SER A 222 -30.58 -24.22 -2.71
C SER A 222 -31.75 -23.23 -2.61
N GLN A 223 -32.10 -22.66 -3.76
CA GLN A 223 -33.24 -21.78 -3.92
C GLN A 223 -34.13 -22.34 -5.02
N SER A 224 -33.54 -23.24 -5.82
CA SER A 224 -34.17 -23.83 -7.01
C SER A 224 -34.63 -22.77 -8.00
N ALA A 225 -33.87 -21.67 -8.08
CA ALA A 225 -34.18 -20.54 -8.96
C ALA A 225 -32.97 -20.02 -9.71
N LEU A 226 -33.20 -19.65 -10.97
CA LEU A 226 -32.20 -18.97 -11.75
C LEU A 226 -32.11 -17.54 -11.26
N ARG A 227 -30.88 -17.05 -11.14
CA ARG A 227 -30.61 -15.72 -10.58
C ARG A 227 -29.65 -14.94 -11.46
N THR A 228 -29.76 -13.60 -11.39
CA THR A 228 -28.93 -12.70 -12.18
C THR A 228 -28.01 -11.85 -11.29
N MET A 229 -27.03 -11.21 -11.92
CA MET A 229 -26.09 -10.29 -11.25
C MET A 229 -26.79 -9.31 -10.30
N GLN A 230 -27.98 -8.84 -10.71
CA GLN A 230 -28.77 -7.93 -9.89
C GLN A 230 -29.01 -8.50 -8.51
N HIS A 231 -29.48 -9.74 -8.47
CA HIS A 231 -29.85 -10.40 -7.22
C HIS A 231 -28.63 -10.64 -6.34
N ARG A 232 -27.54 -11.07 -6.97
CA ARG A 232 -26.27 -11.25 -6.27
C ARG A 232 -25.81 -9.93 -5.62
N MET A 233 -25.84 -8.86 -6.41
CA MET A 233 -25.57 -7.51 -5.90
C MET A 233 -26.46 -7.15 -4.72
N TRP A 234 -27.74 -7.49 -4.82
CA TRP A 234 -28.72 -7.31 -3.76
C TRP A 234 -28.37 -8.15 -2.54
N ASP A 235 -28.11 -9.44 -2.77
CA ASP A 235 -27.78 -10.36 -1.70
C ASP A 235 -26.52 -9.94 -0.95
N MET A 236 -25.51 -9.47 -1.68
CA MET A 236 -24.25 -9.14 -1.03
C MET A 236 -24.34 -7.84 -0.23
N TYR A 237 -25.00 -6.81 -0.78
CA TYR A 237 -25.24 -5.59 0.01
C TYR A 237 -26.17 -5.86 1.18
N ARG A 238 -27.13 -6.77 0.99
CA ARG A 238 -27.99 -7.26 2.08
C ARG A 238 -27.18 -7.78 3.24
N GLN A 239 -26.21 -8.64 2.93
CA GLN A 239 -25.40 -9.30 3.94
C GLN A 239 -24.19 -8.47 4.35
N MET A 240 -23.94 -7.37 3.65
CA MET A 240 -22.99 -6.36 4.12
C MET A 240 -23.63 -5.41 5.15
N ARG A 241 -24.89 -5.65 5.48
CA ARG A 241 -25.67 -4.83 6.44
C ARG A 241 -26.04 -3.43 5.93
N MET A 242 -25.89 -3.26 4.63
CA MET A 242 -26.22 -2.02 3.94
C MET A 242 -27.72 -1.93 3.70
N PRO A 243 -28.21 -0.74 3.30
CA PRO A 243 -29.61 -0.75 2.83
C PRO A 243 -29.73 -1.58 1.55
N ALA A 244 -30.95 -1.97 1.22
CA ALA A 244 -31.22 -2.71 0.00
C ALA A 244 -31.02 -1.80 -1.19
N PRO A 245 -30.04 -2.13 -2.05
CA PRO A 245 -29.74 -1.33 -3.23
C PRO A 245 -30.93 -1.28 -4.17
N ASP A 246 -31.04 -0.22 -4.96
CA ASP A 246 -32.12 -0.13 -5.94
C ASP A 246 -31.86 -1.09 -7.08
N TYR A 247 -32.89 -1.86 -7.42
CA TYR A 247 -32.82 -2.77 -8.55
C TYR A 247 -32.54 -1.96 -9.80
N ALA A 248 -31.59 -2.46 -10.61
CA ALA A 248 -31.11 -1.80 -11.83
C ALA A 248 -30.64 -0.37 -11.59
N SER A 249 -30.03 -0.13 -10.43
CA SER A 249 -29.56 1.21 -10.13
C SER A 249 -28.19 1.46 -10.75
N GLU A 250 -27.63 2.63 -10.44
CA GLU A 250 -26.35 3.03 -10.95
C GLU A 250 -25.24 2.23 -10.29
N ALA A 251 -25.31 2.13 -8.96
CA ALA A 251 -24.27 1.45 -8.20
C ALA A 251 -24.10 0.01 -8.66
N VAL A 252 -25.21 -0.72 -8.80
CA VAL A 252 -25.17 -2.12 -9.24
C VAL A 252 -24.47 -2.28 -10.59
N THR A 253 -24.88 -1.47 -11.57
CA THR A 253 -24.31 -1.45 -12.92
C THR A 253 -22.84 -0.96 -12.96
N ALA A 254 -22.48 -0.06 -12.03
CA ALA A 254 -21.10 0.37 -11.88
C ALA A 254 -20.20 -0.79 -11.45
N LEU A 255 -20.67 -1.55 -10.46
CA LEU A 255 -19.96 -2.72 -9.98
C LEU A 255 -19.79 -3.78 -11.07
N THR A 256 -20.89 -4.12 -11.74
CA THR A 256 -20.91 -5.15 -12.78
C THR A 256 -19.86 -4.92 -13.87
N LEU A 257 -19.73 -3.68 -14.35
CA LEU A 257 -18.71 -3.33 -15.35
C LEU A 257 -17.28 -3.62 -14.88
N TYR A 258 -16.96 -3.20 -13.65
CA TYR A 258 -15.71 -3.56 -13.00
C TYR A 258 -15.51 -5.07 -12.98
N LEU A 259 -16.49 -5.78 -12.43
CA LEU A 259 -16.42 -7.24 -12.33
C LEU A 259 -16.26 -7.88 -13.70
N THR A 260 -16.92 -7.29 -14.70
CA THR A 260 -16.90 -7.83 -16.05
C THR A 260 -15.58 -7.48 -16.77
N LYS A 261 -15.03 -6.30 -16.46
CA LYS A 261 -13.74 -5.92 -17.03
C LYS A 261 -12.58 -6.69 -16.41
N GLN A 262 -12.69 -7.02 -15.12
CA GLN A 262 -11.75 -7.94 -14.46
C GLN A 262 -11.98 -9.38 -14.94
N ALA A 263 -13.10 -9.60 -15.60
CA ALA A 263 -13.45 -10.91 -16.12
C ALA A 263 -13.08 -11.10 -17.59
N GLU A 264 -12.39 -10.11 -18.17
CA GLU A 264 -12.09 -10.14 -19.61
C GLU A 264 -11.38 -11.43 -19.97
N GLY A 265 -11.86 -12.06 -21.04
CA GLY A 265 -11.30 -13.32 -21.51
C GLY A 265 -12.14 -14.50 -21.10
N GLY A 266 -12.92 -14.34 -20.03
CA GLY A 266 -13.79 -15.39 -19.51
C GLY A 266 -14.79 -15.85 -20.55
N GLU A 267 -14.80 -17.16 -20.81
CA GLU A 267 -15.63 -17.72 -21.88
C GLU A 267 -16.99 -18.11 -21.31
N LEU A 268 -18.01 -17.31 -21.65
CA LEU A 268 -19.34 -17.52 -21.09
C LEU A 268 -19.83 -18.96 -21.22
N LYS A 269 -20.24 -19.55 -20.11
CA LYS A 269 -20.91 -20.84 -20.11
C LYS A 269 -22.20 -20.68 -19.30
N VAL A 270 -23.21 -20.11 -19.95
CA VAL A 270 -24.39 -19.60 -19.28
C VAL A 270 -25.69 -20.17 -19.83
N PRO A 271 -26.66 -20.45 -18.93
CA PRO A 271 -26.58 -20.31 -17.47
C PRO A 271 -26.14 -21.59 -16.73
N SER A 272 -25.30 -21.40 -15.71
CA SER A 272 -24.62 -22.49 -15.01
C SER A 272 -25.45 -23.19 -13.94
N ILE A 273 -24.82 -24.19 -13.30
CA ILE A 273 -25.39 -24.93 -12.18
C ILE A 273 -24.53 -24.74 -10.94
N LYS A 274 -25.16 -24.37 -9.83
CA LYS A 274 -24.49 -24.11 -8.57
C LYS A 274 -25.35 -24.64 -7.43
N SER B 29 -2.80 10.54 -11.68
CA SER B 29 -3.56 9.31 -11.29
C SER B 29 -5.01 9.36 -11.78
N ALA B 30 -5.65 8.20 -11.83
CA ALA B 30 -7.10 8.13 -12.05
C ALA B 30 -7.84 8.62 -10.79
N VAL B 31 -7.66 9.91 -10.48
CA VAL B 31 -8.31 10.58 -9.35
C VAL B 31 -9.83 10.35 -9.33
N ASP B 32 -10.27 9.34 -8.58
CA ASP B 32 -11.69 9.00 -8.47
C ASP B 32 -12.40 10.11 -7.68
N PRO B 33 -13.42 10.76 -8.28
CA PRO B 33 -14.07 11.93 -7.70
C PRO B 33 -15.14 11.60 -6.65
N ALA B 34 -15.76 12.64 -6.09
CA ALA B 34 -16.85 12.50 -5.11
C ALA B 34 -18.18 12.19 -5.80
N ARG B 35 -18.07 11.67 -7.02
CA ARG B 35 -19.20 11.17 -7.77
C ARG B 35 -19.64 9.82 -7.19
N VAL B 36 -18.85 9.30 -6.25
CA VAL B 36 -19.18 8.05 -5.58
C VAL B 36 -20.33 8.25 -4.58
N ASP B 37 -20.40 9.43 -3.97
CA ASP B 37 -21.48 9.74 -3.04
C ASP B 37 -22.85 9.65 -3.73
N ALA B 38 -23.04 10.44 -4.78
CA ALA B 38 -24.29 10.48 -5.54
C ALA B 38 -24.71 9.09 -5.99
N VAL B 39 -23.79 8.38 -6.65
CA VAL B 39 -24.06 7.03 -7.12
C VAL B 39 -24.63 6.15 -6.01
N VAL B 40 -24.12 6.30 -4.78
CA VAL B 40 -24.71 5.64 -3.60
C VAL B 40 -26.02 6.35 -3.20
N LYS B 41 -25.92 7.63 -2.86
CA LYS B 41 -27.07 8.44 -2.45
C LYS B 41 -28.31 8.17 -3.32
N THR B 42 -28.11 8.11 -4.64
CA THR B 42 -29.19 7.99 -5.62
C THR B 42 -29.60 6.53 -5.92
N SER B 43 -28.71 5.58 -5.61
CA SER B 43 -28.95 4.16 -5.89
C SER B 43 -29.40 3.37 -4.66
N PHE B 44 -29.50 4.07 -3.53
CA PHE B 44 -29.87 3.47 -2.24
C PHE B 44 -31.01 4.27 -1.62
N THR B 45 -32.18 4.19 -2.26
CA THR B 45 -33.32 5.05 -1.91
C THR B 45 -34.33 4.36 -0.99
N LYS B 46 -34.38 3.03 -1.06
CA LYS B 46 -35.17 2.26 -0.10
C LYS B 46 -34.31 2.06 1.15
N LEU B 47 -34.70 2.75 2.22
CA LEU B 47 -33.96 2.77 3.49
C LEU B 47 -34.90 2.47 4.66
N PRO B 48 -34.62 1.40 5.43
CA PRO B 48 -35.31 1.19 6.69
C PRO B 48 -35.06 2.35 7.67
N GLU B 49 -36.04 2.63 8.51
CA GLU B 49 -35.98 3.76 9.43
C GLU B 49 -34.58 3.94 10.05
N GLY B 50 -34.02 5.14 9.90
CA GLY B 50 -32.74 5.51 10.52
C GLY B 50 -31.48 4.87 9.94
N TRP B 51 -31.50 4.59 8.64
CA TRP B 51 -30.42 3.88 7.94
C TRP B 51 -29.63 4.75 6.95
N GLU B 52 -30.00 6.02 6.84
CA GLU B 52 -29.22 6.97 6.05
C GLU B 52 -27.76 6.99 6.57
N SER B 53 -27.61 6.87 7.89
CA SER B 53 -26.32 6.81 8.58
C SER B 53 -25.39 5.67 8.13
N ARG B 54 -25.99 4.56 7.75
CA ARG B 54 -25.25 3.37 7.30
C ARG B 54 -24.53 3.58 5.98
N LEU B 55 -24.89 4.65 5.27
CA LEU B 55 -24.23 5.00 4.01
C LEU B 55 -23.00 5.91 4.20
N GLN B 56 -23.08 6.82 5.17
CA GLN B 56 -22.00 7.77 5.48
C GLN B 56 -20.87 7.10 6.23
N GLN B 57 -19.70 7.09 5.61
CA GLN B 57 -18.49 6.57 6.23
C GLN B 57 -18.02 7.45 7.37
N ASP B 58 -17.50 6.80 8.41
CA ASP B 58 -16.71 7.48 9.42
C ASP B 58 -15.26 7.56 8.95
N GLU B 59 -14.48 8.45 9.56
CA GLU B 59 -13.16 8.80 9.06
C GLU B 59 -12.17 7.62 8.92
N THR B 60 -12.36 6.54 9.67
CA THR B 60 -11.55 5.33 9.49
C THR B 60 -12.15 4.36 8.45
N GLN B 61 -13.44 4.51 8.13
CA GLN B 61 -14.00 3.79 6.98
C GLN B 61 -13.47 4.38 5.69
N ARG B 62 -13.34 5.70 5.66
CA ARG B 62 -13.02 6.45 4.45
C ARG B 62 -11.58 6.25 3.98
N ILE B 63 -10.63 6.19 4.92
CA ILE B 63 -9.21 6.00 4.59
C ILE B 63 -8.93 4.60 4.04
N CYS B 64 -9.57 3.62 4.67
CA CYS B 64 -9.41 2.21 4.29
C CYS B 64 -9.98 1.93 2.90
N SER B 65 -10.97 2.72 2.48
CA SER B 65 -11.60 2.55 1.16
C SER B 65 -10.79 3.23 0.06
N VAL B 66 -10.27 4.43 0.35
CA VAL B 66 -9.55 5.21 -0.66
CA VAL B 66 -9.53 5.24 -0.63
C VAL B 66 -8.15 4.66 -0.94
N THR B 67 -7.61 3.85 -0.03
CA THR B 67 -6.31 3.18 -0.20
C THR B 67 -6.38 1.65 -0.39
N ARG B 68 -7.53 1.13 -0.79
CA ARG B 68 -7.76 -0.32 -0.98
C ARG B 68 -7.30 -1.20 0.19
N ASN B 69 -7.57 -0.72 1.41
CA ASN B 69 -7.18 -1.40 2.65
C ASN B 69 -5.68 -1.52 2.89
N ASN B 70 -4.90 -0.68 2.21
CA ASN B 70 -3.45 -0.61 2.40
C ASN B 70 -3.07 0.75 2.98
N PRO B 71 -3.32 0.99 4.29
CA PRO B 71 -2.84 2.25 4.85
C PRO B 71 -1.32 2.38 4.77
N SER B 72 -0.85 3.62 4.67
CA SER B 72 0.56 3.94 4.86
C SER B 72 0.82 3.93 6.37
N PRO B 73 2.12 3.90 6.77
CA PRO B 73 2.45 3.91 8.20
C PRO B 73 1.75 5.03 8.98
N GLU B 74 1.85 6.26 8.49
CA GLU B 74 1.20 7.41 9.12
C GLU B 74 -0.31 7.27 9.08
N GLN B 75 -0.84 6.80 7.94
CA GLN B 75 -2.28 6.59 7.84
C GLN B 75 -2.75 5.65 8.95
N ALA B 76 -2.13 4.47 9.01
CA ALA B 76 -2.46 3.47 10.03
C ALA B 76 -2.44 4.02 11.45
N ALA B 77 -1.43 4.85 11.73
CA ALA B 77 -1.18 5.39 13.06
C ALA B 77 -2.27 6.31 13.57
N ALA B 78 -2.83 7.15 12.70
CA ALA B 78 -3.84 8.11 13.12
C ALA B 78 -5.13 7.39 13.52
N ILE B 79 -5.53 6.45 12.67
CA ILE B 79 -6.65 5.54 12.91
C ILE B 79 -6.58 4.92 14.31
N MET B 80 -5.50 4.21 14.58
CA MET B 80 -5.20 3.63 15.91
C MET B 80 -5.44 4.62 17.05
N LYS B 81 -4.95 5.85 16.90
CA LYS B 81 -5.17 6.90 17.91
C LYS B 81 -6.65 7.23 18.15
N ALA B 82 -7.43 7.24 17.07
CA ALA B 82 -8.86 7.55 17.16
C ALA B 82 -9.70 6.34 17.57
N GLU B 83 -9.17 5.14 17.32
CA GLU B 83 -9.92 3.92 17.54
C GLU B 83 -9.78 3.38 18.97
N GLU B 84 -8.56 3.39 19.49
CA GLU B 84 -8.25 2.86 20.81
C GLU B 84 -8.85 3.71 21.94
N VAL B 85 -9.13 4.98 21.65
CA VAL B 85 -9.82 5.84 22.64
C VAL B 85 -11.31 5.50 22.74
N ARG B 86 -11.89 5.03 21.63
CA ARG B 86 -13.32 4.68 21.57
C ARG B 86 -13.65 3.42 22.38
N ILE B 87 -12.62 2.62 22.68
CA ILE B 87 -12.78 1.39 23.45
C ILE B 87 -13.18 1.64 24.91
N LYS B 88 -14.36 1.17 25.29
CA LYS B 88 -14.73 1.08 26.70
C LYS B 88 -14.55 -0.36 27.15
N PHE B 89 -13.91 -0.52 28.31
CA PHE B 89 -13.79 -1.82 28.94
C PHE B 89 -14.87 -1.98 30.00
N PRO B 90 -15.24 -3.24 30.32
CA PRO B 90 -16.22 -3.56 31.36
C PRO B 90 -15.88 -3.03 32.74
N ALA B 91 -16.91 -2.79 33.54
CA ALA B 91 -16.75 -2.39 34.94
C ALA B 91 -16.15 -3.55 35.75
N GLY B 92 -16.60 -4.77 35.43
CA GLY B 92 -16.05 -5.98 36.01
C GLY B 92 -14.96 -6.58 35.13
N PRO B 93 -14.60 -7.86 35.37
CA PRO B 93 -13.60 -8.59 34.59
C PRO B 93 -13.90 -8.72 33.09
N VAL B 94 -12.94 -9.32 32.38
CA VAL B 94 -13.05 -9.56 30.94
C VAL B 94 -13.92 -10.79 30.67
N LEU B 95 -13.57 -11.92 31.27
CA LEU B 95 -14.26 -13.20 31.03
C LEU B 95 -15.74 -13.20 31.39
N GLY B 96 -16.53 -13.85 30.53
CA GLY B 96 -17.99 -13.96 30.73
C GLY B 96 -18.44 -15.41 30.76
N SER B 97 -19.05 -15.84 29.66
CA SER B 97 -19.62 -17.18 29.54
C SER B 97 -19.24 -17.79 28.18
N TRP B 98 -18.37 -18.80 28.20
CA TRP B 98 -17.92 -19.47 26.96
C TRP B 98 -19.02 -20.26 26.27
N LYS B 99 -19.94 -20.80 27.06
CA LYS B 99 -21.08 -21.56 26.56
C LYS B 99 -22.06 -20.65 25.82
N ASP B 100 -22.19 -19.42 26.30
CA ASP B 100 -23.01 -18.41 25.65
C ASP B 100 -22.18 -17.65 24.60
N GLY B 101 -20.85 -17.72 24.75
CA GLY B 101 -19.94 -17.15 23.77
C GLY B 101 -19.92 -17.97 22.49
N ALA B 102 -20.06 -19.28 22.65
CA ALA B 102 -20.23 -20.21 21.54
C ALA B 102 -21.46 -19.85 20.71
N LYS B 103 -22.46 -19.26 21.36
CA LYS B 103 -23.69 -18.92 20.66
C LYS B 103 -23.51 -17.65 19.80
N VAL B 104 -22.75 -16.70 20.32
CA VAL B 104 -22.34 -15.50 19.59
C VAL B 104 -21.47 -15.84 18.38
N ALA B 105 -20.58 -16.82 18.54
CA ALA B 105 -19.68 -17.26 17.47
C ALA B 105 -20.39 -17.88 16.25
N GLN B 106 -21.51 -18.56 16.48
CA GLN B 106 -22.18 -19.34 15.43
C GLN B 106 -23.29 -18.56 14.71
N ASN B 107 -23.87 -17.59 15.41
CA ASN B 107 -24.96 -16.78 14.88
C ASN B 107 -24.43 -15.81 13.82
N GLY B 108 -24.92 -15.98 12.59
CA GLY B 108 -24.54 -15.11 11.46
C GLY B 108 -25.67 -14.19 11.01
N ARG B 109 -26.70 -14.09 11.84
CA ARG B 109 -27.84 -13.21 11.58
C ARG B 109 -27.66 -11.93 12.37
N GLY B 110 -28.35 -10.87 11.96
CA GLY B 110 -28.37 -9.62 12.71
C GLY B 110 -27.94 -8.39 11.93
N GLY B 111 -28.68 -7.30 12.10
CA GLY B 111 -28.34 -6.03 11.47
C GLY B 111 -28.91 -5.83 10.08
N GLN B 112 -29.37 -6.91 9.44
CA GLN B 112 -29.79 -6.87 8.03
C GLN B 112 -31.20 -6.27 7.87
N PHE B 113 -31.50 -5.68 6.72
CA PHE B 113 -32.88 -5.25 6.44
C PHE B 113 -33.79 -6.47 6.33
N SER B 114 -33.19 -7.59 5.92
CA SER B 114 -33.94 -8.84 5.78
C SER B 114 -34.24 -9.45 7.16
N ASP B 115 -33.55 -8.95 8.19
CA ASP B 115 -33.66 -9.43 9.57
C ASP B 115 -34.85 -8.87 10.35
N PRO B 116 -35.79 -9.76 10.74
CA PRO B 116 -36.95 -9.44 11.59
C PRO B 116 -36.54 -8.73 12.88
N PRO B 117 -37.38 -7.77 13.34
CA PRO B 117 -37.05 -6.99 14.54
C PRO B 117 -36.88 -7.90 15.75
N GLY B 118 -35.83 -7.64 16.54
CA GLY B 118 -35.53 -8.46 17.71
C GLY B 118 -34.45 -9.50 17.49
N THR B 119 -33.98 -9.61 16.24
CA THR B 119 -32.92 -10.55 15.90
C THR B 119 -31.65 -10.25 16.69
N VAL B 120 -31.22 -11.19 17.52
CA VAL B 120 -30.00 -11.03 18.31
C VAL B 120 -28.78 -11.21 17.41
N SER B 121 -27.89 -10.21 17.42
CA SER B 121 -26.68 -10.24 16.61
C SER B 121 -25.60 -11.15 17.20
N GLY B 122 -24.75 -11.64 16.31
CA GLY B 122 -23.59 -12.43 16.66
C GLY B 122 -22.32 -11.80 16.12
N GLY B 123 -21.19 -12.38 16.49
CA GLY B 123 -19.89 -11.97 15.95
C GLY B 123 -19.49 -12.83 14.75
N ASN B 124 -20.16 -13.97 14.64
CA ASN B 124 -20.02 -14.90 13.51
C ASN B 124 -18.57 -15.36 13.21
N CYS B 125 -17.70 -15.28 14.21
CA CYS B 125 -16.27 -15.61 14.09
C CYS B 125 -15.99 -16.78 13.17
N TYR B 126 -16.85 -17.79 13.21
CA TYR B 126 -16.67 -18.98 12.39
C TYR B 126 -16.59 -18.73 10.88
N ALA B 127 -17.24 -17.66 10.43
CA ALA B 127 -17.22 -17.29 9.02
C ALA B 127 -15.79 -17.08 8.51
N CYS B 128 -14.94 -16.54 9.38
CA CYS B 128 -13.57 -16.15 9.04
C CYS B 128 -12.50 -16.89 9.81
N HIS B 129 -12.89 -17.55 10.90
CA HIS B 129 -11.91 -18.16 11.80
C HIS B 129 -12.13 -19.65 12.00
N GLN B 130 -11.05 -20.38 12.27
CA GLN B 130 -11.15 -21.68 12.93
C GLN B 130 -11.17 -21.41 14.44
N LEU B 131 -12.11 -22.06 15.14
CA LEU B 131 -12.26 -21.89 16.58
C LEU B 131 -12.20 -23.21 17.36
N ASP B 132 -13.29 -23.97 17.35
CA ASP B 132 -13.30 -25.31 17.94
C ASP B 132 -12.51 -26.20 16.99
N PRO B 133 -11.39 -26.78 17.46
CA PRO B 133 -10.57 -27.66 16.63
C PRO B 133 -11.37 -28.83 16.06
N LYS B 134 -12.40 -29.25 16.79
CA LYS B 134 -13.28 -30.37 16.41
C LYS B 134 -14.20 -29.97 15.27
N GLU B 135 -14.55 -28.68 15.22
CA GLU B 135 -15.45 -28.12 14.21
C GLU B 135 -14.83 -28.06 12.80
N VAL B 136 -15.63 -28.42 11.81
CA VAL B 136 -15.13 -28.59 10.45
C VAL B 136 -15.61 -27.52 9.43
N SER B 137 -16.47 -26.62 9.86
CA SER B 137 -16.89 -25.51 9.00
C SER B 137 -16.31 -24.21 9.53
N TYR B 138 -15.31 -23.67 8.82
CA TYR B 138 -14.61 -22.46 9.25
C TYR B 138 -13.96 -21.74 8.08
N GLY B 139 -13.94 -20.41 8.15
CA GLY B 139 -13.28 -19.61 7.12
C GLY B 139 -11.81 -19.33 7.38
N THR B 140 -11.12 -18.90 6.32
CA THR B 140 -9.67 -18.65 6.37
C THR B 140 -9.27 -17.22 5.96
N LEU B 141 -10.19 -16.28 6.20
CA LEU B 141 -9.97 -14.86 5.93
C LEU B 141 -9.29 -14.24 7.14
N GLY B 142 -9.60 -14.81 8.30
CA GLY B 142 -8.95 -14.43 9.55
C GLY B 142 -8.05 -15.55 10.03
N PRO B 143 -7.24 -15.27 11.06
CA PRO B 143 -6.31 -16.15 11.77
C PRO B 143 -6.96 -17.31 12.53
N SER B 144 -6.27 -18.45 12.58
CA SER B 144 -6.69 -19.54 13.45
C SER B 144 -6.61 -19.11 14.91
N LEU B 145 -7.72 -19.33 15.61
CA LEU B 145 -7.81 -19.00 17.02
C LEU B 145 -7.88 -20.26 17.89
N VAL B 146 -7.59 -21.41 17.29
CA VAL B 146 -7.58 -22.69 18.01
C VAL B 146 -6.53 -22.61 19.09
N GLY B 147 -6.91 -22.99 20.31
CA GLY B 147 -6.01 -22.95 21.47
C GLY B 147 -5.51 -21.58 21.91
N TYR B 148 -6.12 -20.51 21.40
CA TYR B 148 -5.71 -19.11 21.64
C TYR B 148 -5.31 -18.84 23.08
N GLY B 149 -6.23 -19.13 24.01
CA GLY B 149 -5.97 -18.99 25.44
C GLY B 149 -4.82 -19.85 25.95
N ARG B 150 -4.84 -21.14 25.62
CA ARG B 150 -3.79 -22.07 26.04
C ARG B 150 -2.43 -21.65 25.49
N GLU B 151 -2.41 -21.28 24.21
CA GLU B 151 -1.22 -20.78 23.51
C GLU B 151 -0.72 -19.48 24.13
N ARG B 152 -1.62 -18.74 24.80
CA ARG B 152 -1.27 -17.51 25.52
C ARG B 152 -1.24 -17.72 27.05
N ASN B 153 -1.11 -18.98 27.45
CA ASN B 153 -1.02 -19.39 28.87
C ASN B 153 -2.19 -18.92 29.75
N PHE B 154 -3.36 -18.72 29.13
CA PHE B 154 -4.60 -18.29 29.80
C PHE B 154 -4.47 -16.95 30.55
N SER B 155 -3.37 -16.25 30.28
CA SER B 155 -3.08 -14.94 30.87
C SER B 155 -4.31 -14.02 30.86
N ALA B 156 -4.64 -13.50 32.03
CA ALA B 156 -5.77 -12.57 32.20
C ALA B 156 -5.53 -11.28 31.41
N GLU B 157 -4.28 -10.90 31.27
CA GLU B 157 -3.88 -9.68 30.58
C GLU B 157 -4.02 -9.79 29.07
N ASP B 158 -3.65 -10.95 28.51
CA ASP B 158 -3.77 -11.20 27.07
C ASP B 158 -5.23 -11.34 26.63
N ALA B 159 -6.11 -11.56 27.60
CA ALA B 159 -7.55 -11.58 27.39
C ALA B 159 -8.11 -10.17 27.30
N LYS B 160 -7.46 -9.22 27.98
CA LYS B 160 -7.81 -7.82 27.84
C LYS B 160 -7.49 -7.40 26.40
N ILE B 161 -6.33 -7.85 25.91
CA ILE B 161 -5.91 -7.62 24.53
C ILE B 161 -6.92 -8.23 23.54
N ALA B 162 -7.40 -9.43 23.84
CA ALA B 162 -8.39 -10.07 22.97
C ALA B 162 -9.77 -9.42 23.10
N PHE B 163 -10.07 -8.86 24.27
CA PHE B 163 -11.30 -8.08 24.44
C PHE B 163 -11.26 -6.85 23.54
N ALA B 164 -10.29 -5.97 23.79
CA ALA B 164 -10.09 -4.76 22.99
C ALA B 164 -9.91 -5.05 21.51
N LYS B 165 -9.66 -6.32 21.16
CA LYS B 165 -9.51 -6.71 19.77
C LYS B 165 -10.89 -6.92 19.16
N VAL B 166 -11.79 -7.51 19.95
CA VAL B 166 -13.17 -7.72 19.51
C VAL B 166 -13.98 -6.44 19.57
N TYR B 167 -13.77 -5.64 20.62
CA TYR B 167 -14.47 -4.35 20.78
C TYR B 167 -14.14 -3.40 19.64
N ASP B 168 -12.87 -3.33 19.30
CA ASP B 168 -12.42 -2.52 18.18
C ASP B 168 -11.05 -3.02 17.75
N ALA B 169 -11.00 -3.70 16.61
CA ALA B 169 -9.76 -4.28 16.09
C ALA B 169 -8.89 -3.22 15.43
N GLN B 170 -9.52 -2.24 14.81
CA GLN B 170 -8.82 -1.17 14.14
C GLN B 170 -8.08 -0.28 15.15
N ALA B 171 -8.26 -0.61 16.43
CA ALA B 171 -7.54 0.07 17.49
C ALA B 171 -6.10 -0.45 17.56
N SER B 172 -5.92 -1.69 17.10
CA SER B 172 -4.63 -2.42 17.13
C SER B 172 -4.07 -2.69 15.72
N LEU B 173 -4.96 -2.70 14.73
CA LEU B 173 -4.54 -2.85 13.33
C LEU B 173 -5.46 -2.04 12.43
N ALA B 174 -4.90 -1.07 11.72
CA ALA B 174 -5.68 -0.15 10.91
C ALA B 174 -6.06 -0.75 9.57
N CYS B 175 -7.36 -0.68 9.28
CA CYS B 175 -7.95 -1.21 8.06
C CYS B 175 -8.11 -2.75 8.08
N SER B 176 -7.98 -3.33 9.27
CA SER B 176 -8.23 -4.76 9.48
CA SER B 176 -8.20 -4.77 9.44
C SER B 176 -9.58 -5.20 8.92
N SER B 177 -9.68 -6.47 8.50
CA SER B 177 -10.91 -6.99 7.90
C SER B 177 -11.94 -7.53 8.92
N MET B 178 -11.53 -7.60 10.18
CA MET B 178 -12.42 -7.94 11.27
C MET B 178 -13.31 -6.75 11.62
N PRO B 179 -14.63 -6.99 11.76
CA PRO B 179 -15.56 -5.92 12.13
C PRO B 179 -15.27 -5.37 13.51
N ARG B 180 -15.36 -4.04 13.62
CA ARG B 180 -15.23 -3.37 14.90
C ARG B 180 -16.52 -3.64 15.66
N PHE B 181 -16.58 -4.80 16.30
CA PHE B 181 -17.84 -5.33 16.83
C PHE B 181 -18.51 -4.47 17.87
N GLY B 182 -17.70 -3.96 18.80
CA GLY B 182 -18.21 -3.32 20.00
C GLY B 182 -18.39 -1.83 19.83
N VAL B 183 -17.62 -1.25 18.92
CA VAL B 183 -17.71 0.18 18.70
C VAL B 183 -18.81 0.55 17.69
N ASN B 184 -19.25 -0.44 16.91
CA ASN B 184 -20.27 -0.23 15.89
C ASN B 184 -21.66 -0.67 16.32
N GLY B 185 -21.81 -1.06 17.59
CA GLY B 185 -23.09 -1.53 18.14
C GLY B 185 -23.62 -2.86 17.64
N VAL B 186 -22.72 -3.73 17.17
CA VAL B 186 -23.14 -5.08 16.76
C VAL B 186 -23.10 -6.03 17.97
N LEU B 187 -22.03 -5.90 18.76
CA LEU B 187 -21.84 -6.68 19.98
C LEU B 187 -21.99 -5.80 21.22
N THR B 188 -22.69 -6.33 22.23
CA THR B 188 -22.80 -5.71 23.55
C THR B 188 -21.59 -6.07 24.40
N GLU B 189 -21.25 -5.23 25.38
CA GLU B 189 -20.15 -5.49 26.31
C GLU B 189 -20.19 -6.94 26.75
N GLN B 190 -21.39 -7.39 27.12
CA GLN B 190 -21.61 -8.72 27.66
C GLN B 190 -21.37 -9.82 26.62
N GLN B 191 -21.76 -9.58 25.37
CA GLN B 191 -21.50 -10.55 24.29
C GLN B 191 -20.01 -10.70 24.03
N ILE B 192 -19.26 -9.60 24.12
CA ILE B 192 -17.81 -9.61 23.94
C ILE B 192 -17.17 -10.36 25.10
N LYS B 193 -17.59 -10.04 26.32
CA LYS B 193 -17.22 -10.81 27.48
C LYS B 193 -17.43 -12.31 27.23
N ASP B 194 -18.57 -12.65 26.61
CA ASP B 194 -18.92 -14.04 26.38
C ASP B 194 -18.09 -14.70 25.28
N VAL B 195 -17.90 -14.00 24.16
CA VAL B 195 -17.11 -14.53 23.03
CA VAL B 195 -17.11 -14.53 23.03
C VAL B 195 -15.60 -14.59 23.33
N VAL B 196 -15.12 -13.67 24.18
CA VAL B 196 -13.72 -13.73 24.62
CA VAL B 196 -13.73 -13.76 24.65
C VAL B 196 -13.50 -14.95 25.50
N ALA B 197 -14.44 -15.20 26.39
CA ALA B 197 -14.41 -16.40 27.23
C ALA B 197 -14.24 -17.67 26.39
N TYR B 198 -14.88 -17.71 25.23
CA TYR B 198 -14.79 -18.83 24.30
C TYR B 198 -13.36 -19.06 23.82
N LEU B 199 -12.58 -17.98 23.70
CA LEU B 199 -11.16 -18.05 23.34
C LEU B 199 -10.28 -18.34 24.55
N PHE B 200 -10.76 -17.96 25.73
CA PHE B 200 -9.90 -17.89 26.91
C PHE B 200 -10.26 -18.79 28.09
N ASP B 201 -11.52 -19.20 28.19
CA ASP B 201 -11.95 -20.09 29.26
C ASP B 201 -11.32 -21.47 29.04
N PRO B 202 -10.39 -21.86 29.92
CA PRO B 202 -9.64 -23.10 29.75
C PRO B 202 -10.53 -24.31 29.36
N GLU B 203 -11.79 -24.26 29.80
CA GLU B 203 -12.72 -25.39 29.67
C GLU B 203 -13.55 -25.32 28.40
N SER B 204 -13.09 -24.57 27.40
CA SER B 204 -13.79 -24.39 26.12
C SER B 204 -13.23 -25.34 25.06
N PRO B 205 -14.08 -25.82 24.13
CA PRO B 205 -13.54 -26.70 23.09
C PRO B 205 -12.40 -26.06 22.28
N VAL B 206 -12.39 -24.73 22.19
CA VAL B 206 -11.31 -23.99 21.55
C VAL B 206 -9.97 -24.25 22.26
N ASN B 207 -10.01 -24.29 23.60
CA ASN B 207 -8.82 -24.52 24.41
C ASN B 207 -8.64 -25.99 24.86
N LYS B 208 -9.18 -26.91 24.06
CA LYS B 208 -9.13 -28.33 24.37
C LYS B 208 -8.95 -29.18 23.12
N ALA C 46 29.46 34.81 -8.96
CA ALA C 46 28.24 33.96 -8.78
C ALA C 46 28.59 32.60 -8.17
N ASN C 47 29.48 31.87 -8.85
CA ASN C 47 29.80 30.49 -8.48
C ASN C 47 31.30 30.21 -8.41
N PRO C 48 31.83 30.00 -7.18
CA PRO C 48 33.24 29.78 -6.91
C PRO C 48 33.63 28.31 -7.11
N GLY C 49 33.18 27.73 -8.22
CA GLY C 49 33.44 26.33 -8.53
C GLY C 49 33.60 26.10 -10.02
N PHE C 50 33.86 27.17 -10.75
CA PHE C 50 34.15 27.09 -12.18
C PHE C 50 35.64 26.86 -12.42
N LEU C 51 36.44 27.05 -11.37
CA LEU C 51 37.85 26.68 -11.41
C LEU C 51 38.01 25.16 -11.57
N ASN C 52 36.97 24.44 -11.14
CA ASN C 52 36.84 23.00 -11.36
C ASN C 52 36.58 22.73 -12.83
N VAL C 53 35.64 23.49 -13.39
CA VAL C 53 35.30 23.42 -14.80
C VAL C 53 36.57 23.72 -15.59
N ASP C 54 37.32 24.73 -15.14
CA ASP C 54 38.59 25.11 -15.75
C ASP C 54 39.60 23.98 -15.72
N ARG C 55 39.86 23.41 -14.53
CA ARG C 55 40.78 22.29 -14.41
C ARG C 55 40.32 21.10 -15.26
N GLY C 56 39.00 20.89 -15.32
CA GLY C 56 38.42 19.82 -16.15
C GLY C 56 38.51 20.11 -17.62
N GLU C 57 38.38 21.39 -17.99
CA GLU C 57 38.69 21.85 -19.34
C GLU C 57 40.15 21.54 -19.67
N VAL C 58 41.06 21.93 -18.78
CA VAL C 58 42.48 21.64 -18.96
C VAL C 58 42.70 20.12 -19.02
N LEU C 59 42.11 19.39 -18.08
CA LEU C 59 42.17 17.93 -18.05
C LEU C 59 41.65 17.26 -19.32
N TRP C 60 40.54 17.76 -19.85
CA TRP C 60 39.90 17.14 -21.03
C TRP C 60 40.83 17.02 -22.24
N SER C 61 41.69 18.03 -22.41
CA SER C 61 42.62 18.05 -23.52
C SER C 61 44.07 17.90 -23.07
N GLU C 62 44.28 17.15 -21.98
CA GLU C 62 45.60 17.00 -21.38
C GLU C 62 46.19 15.62 -21.68
N PRO C 63 47.38 15.58 -22.31
CA PRO C 63 48.00 14.29 -22.72
C PRO C 63 48.44 13.43 -21.53
N ARG C 64 47.87 12.23 -21.41
CA ARG C 64 48.15 11.35 -20.25
C ARG C 64 48.27 9.85 -20.58
N GLY C 65 49.03 9.13 -19.76
CA GLY C 65 49.07 7.67 -19.76
C GLY C 65 49.95 7.02 -20.81
N THR C 66 49.87 5.68 -20.88
CA THR C 66 50.67 4.90 -21.83
C THR C 66 50.23 5.06 -23.29
N ARG C 67 49.42 6.08 -23.55
CA ARG C 67 49.12 6.50 -24.93
C ARG C 67 49.43 7.98 -25.09
N ASN C 68 49.60 8.65 -23.94
CA ASN C 68 50.02 10.06 -23.88
C ASN C 68 48.97 10.96 -24.54
N VAL C 69 47.72 10.51 -24.52
CA VAL C 69 46.63 11.22 -25.19
C VAL C 69 45.68 11.91 -24.22
N SER C 70 44.96 12.90 -24.73
CA SER C 70 43.92 13.59 -23.98
C SER C 70 42.66 12.72 -23.89
N LEU C 71 41.53 13.35 -23.60
CA LEU C 71 40.25 12.65 -23.66
C LEU C 71 39.35 13.11 -24.81
N GLU C 72 39.89 13.96 -25.68
CA GLU C 72 39.12 14.49 -26.82
C GLU C 72 38.45 13.38 -27.63
N THR C 73 39.07 12.20 -27.66
CA THR C 73 38.57 11.03 -28.40
C THR C 73 37.40 10.28 -27.74
N CYS C 74 37.25 10.41 -26.42
CA CYS C 74 36.27 9.62 -25.69
C CYS C 74 34.83 9.88 -26.11
N ASP C 75 34.09 8.79 -26.28
CA ASP C 75 32.67 8.83 -26.51
C ASP C 75 31.99 8.77 -25.15
N LEU C 76 31.26 9.83 -24.81
CA LEU C 76 30.58 9.92 -23.52
C LEU C 76 29.14 9.40 -23.57
N GLY C 77 28.59 9.32 -24.78
CA GLY C 77 27.24 8.85 -25.01
C GLY C 77 26.73 9.29 -26.38
N GLU C 78 27.21 10.43 -26.84
CA GLU C 78 26.76 11.06 -28.08
C GLU C 78 27.66 10.77 -29.29
N GLY C 79 28.92 10.40 -29.03
CA GLY C 79 29.93 10.26 -30.08
C GLY C 79 31.31 10.63 -29.55
N PRO C 80 32.38 10.20 -30.25
CA PRO C 80 33.74 10.53 -29.84
C PRO C 80 33.95 12.04 -29.80
N GLY C 81 34.02 12.61 -28.60
CA GLY C 81 34.27 14.03 -28.42
C GLY C 81 33.07 14.88 -28.03
N LYS C 82 31.88 14.30 -28.16
CA LYS C 82 30.63 15.04 -28.02
C LYS C 82 30.25 15.33 -26.55
N LEU C 83 30.62 16.52 -26.09
CA LEU C 83 30.36 16.96 -24.74
C LEU C 83 28.97 17.55 -24.58
N GLU C 84 28.51 18.25 -25.62
CA GLU C 84 27.28 19.02 -25.61
C GLU C 84 26.05 18.15 -25.36
N GLY C 85 25.36 18.42 -24.25
CA GLY C 85 24.15 17.70 -23.88
C GLY C 85 24.38 16.21 -23.61
N ALA C 86 25.48 15.88 -22.94
CA ALA C 86 25.82 14.49 -22.63
C ALA C 86 25.53 14.08 -21.17
N TYR C 87 25.71 15.01 -20.24
CA TYR C 87 25.38 14.80 -18.84
C TYR C 87 23.88 14.56 -18.66
N ALA C 88 23.10 14.95 -19.67
CA ALA C 88 21.65 14.76 -19.68
C ALA C 88 21.27 13.35 -20.11
N HIS C 89 21.96 12.83 -21.11
CA HIS C 89 21.70 11.49 -21.63
C HIS C 89 22.45 10.42 -20.84
N LEU C 90 22.80 10.72 -19.59
CA LEU C 90 23.52 9.81 -18.70
C LEU C 90 22.74 9.57 -17.39
N PRO C 91 22.71 8.32 -16.89
CA PRO C 91 23.42 7.14 -17.38
C PRO C 91 22.69 6.45 -18.51
N ARG C 92 23.44 5.82 -19.41
CA ARG C 92 22.88 5.11 -20.54
C ARG C 92 23.65 3.81 -20.79
N TYR C 93 23.17 3.01 -21.73
CA TYR C 93 23.84 1.76 -22.06
C TYR C 93 25.00 1.96 -23.06
N PHE C 94 25.94 1.03 -23.04
CA PHE C 94 27.01 0.94 -24.03
C PHE C 94 27.18 -0.51 -24.49
N ALA C 95 27.35 -0.71 -25.78
CA ALA C 95 27.54 -2.06 -26.32
C ALA C 95 28.95 -2.55 -26.08
N ASP C 96 29.92 -1.68 -26.40
CA ASP C 96 31.35 -2.01 -26.29
C ASP C 96 31.82 -2.44 -24.90
N THR C 97 31.23 -1.85 -23.86
CA THR C 97 31.61 -2.21 -22.48
C THR C 97 30.67 -3.27 -21.91
N GLY C 98 29.46 -3.32 -22.46
CA GLY C 98 28.44 -4.26 -22.02
C GLY C 98 27.84 -3.88 -20.67
N LYS C 99 27.90 -2.60 -20.33
CA LYS C 99 27.43 -2.12 -19.03
C LYS C 99 26.75 -0.77 -19.17
N VAL C 100 25.70 -0.56 -18.39
CA VAL C 100 25.12 0.77 -18.23
C VAL C 100 26.11 1.51 -17.35
N MET C 101 26.49 2.71 -17.78
CA MET C 101 27.49 3.48 -17.05
C MET C 101 27.05 4.93 -16.85
N ASP C 102 27.31 5.46 -15.66
CA ASP C 102 27.17 6.90 -15.43
C ASP C 102 28.46 7.57 -15.89
N LEU C 103 28.53 8.88 -15.71
CA LEU C 103 29.67 9.67 -16.17
C LEU C 103 31.03 9.25 -15.58
N GLU C 104 31.07 9.02 -14.28
CA GLU C 104 32.33 8.72 -13.59
C GLU C 104 32.80 7.30 -13.82
N GLN C 105 31.86 6.42 -14.16
CA GLN C 105 32.16 5.09 -14.67
C GLN C 105 32.80 5.21 -16.06
N ARG C 106 32.14 5.95 -16.96
CA ARG C 106 32.65 6.10 -18.34
C ARG C 106 34.02 6.78 -18.37
N LEU C 107 34.19 7.79 -17.52
CA LEU C 107 35.45 8.55 -17.43
C LEU C 107 36.67 7.74 -17.04
N LEU C 108 36.46 6.61 -16.35
CA LEU C 108 37.56 5.73 -15.96
C LEU C 108 37.88 4.71 -17.06
N TRP C 109 36.86 4.27 -17.79
CA TRP C 109 37.05 3.32 -18.88
C TRP C 109 37.75 3.96 -20.09
N CYS C 110 37.34 5.17 -20.44
CA CYS C 110 38.01 5.95 -21.47
C CYS C 110 39.44 6.30 -21.09
N MET C 111 39.72 6.39 -19.80
CA MET C 111 41.08 6.60 -19.32
C MET C 111 41.96 5.35 -19.55
N GLU C 112 41.48 4.20 -19.08
CA GLU C 112 42.27 2.97 -19.16
C GLU C 112 42.44 2.50 -20.59
N THR C 113 41.33 2.48 -21.35
CA THR C 113 41.34 1.95 -22.71
C THR C 113 41.80 2.94 -23.80
N ILE C 114 41.72 4.24 -23.52
CA ILE C 114 42.19 5.23 -24.50
C ILE C 114 43.57 5.82 -24.16
N GLN C 115 43.80 6.12 -22.89
CA GLN C 115 45.05 6.73 -22.45
C GLN C 115 46.05 5.69 -21.96
N GLY C 116 45.58 4.50 -21.62
CA GLY C 116 46.37 3.54 -20.86
C GLY C 116 46.78 4.12 -19.52
N ARG C 117 46.00 5.09 -19.06
CA ARG C 117 46.21 5.78 -17.78
C ARG C 117 45.73 4.93 -16.61
N ASP C 118 46.60 4.72 -15.63
CA ASP C 118 46.28 3.97 -14.41
C ASP C 118 45.24 4.68 -13.54
N THR C 119 44.12 3.99 -13.25
CA THR C 119 43.02 4.63 -12.53
C THR C 119 42.97 4.37 -11.01
N LYS C 120 43.87 3.56 -10.48
CA LYS C 120 43.86 3.22 -9.04
C LYS C 120 44.05 4.43 -8.09
N PRO C 121 44.97 5.36 -8.40
CA PRO C 121 45.05 6.55 -7.55
C PRO C 121 43.80 7.43 -7.64
N LEU C 122 42.96 7.17 -8.65
CA LEU C 122 41.67 7.86 -8.79
C LEU C 122 40.51 7.10 -8.13
N VAL C 123 40.57 5.76 -8.17
CA VAL C 123 39.61 4.93 -7.44
C VAL C 123 39.76 5.15 -5.93
N ALA C 124 40.99 5.06 -5.44
CA ALA C 124 41.26 5.17 -4.00
C ALA C 124 41.09 6.60 -3.48
N LYS C 125 41.13 7.56 -4.40
CA LYS C 125 40.97 8.98 -4.07
C LYS C 125 39.99 9.63 -5.04
N PRO C 126 38.70 9.28 -4.92
CA PRO C 126 37.72 9.71 -5.91
C PRO C 126 37.22 11.14 -5.70
N PHE C 127 37.34 11.64 -4.47
CA PHE C 127 36.78 12.92 -4.06
C PHE C 127 37.88 13.81 -3.47
N SER C 128 37.70 15.12 -3.55
CA SER C 128 38.73 16.05 -3.12
C SER C 128 38.74 16.26 -1.61
N GLY C 129 39.78 16.92 -1.11
CA GLY C 129 39.91 17.16 0.32
C GLY C 129 40.85 18.32 0.64
N PRO C 130 41.20 18.49 1.93
CA PRO C 130 42.07 19.59 2.33
C PRO C 130 43.46 19.50 1.70
N GLY C 131 43.58 20.03 0.48
CA GLY C 131 44.86 20.16 -0.23
C GLY C 131 44.98 19.34 -1.49
N ARG C 132 44.04 18.40 -1.67
CA ARG C 132 44.11 17.43 -2.76
C ARG C 132 42.94 17.59 -3.73
N THR C 133 43.28 17.81 -4.99
CA THR C 133 42.33 17.92 -6.09
C THR C 133 41.93 16.54 -6.59
N SER C 134 40.71 16.46 -7.11
CA SER C 134 40.17 15.26 -7.72
C SER C 134 39.94 15.49 -9.20
N ASP C 135 40.70 14.78 -10.03
CA ASP C 135 40.53 14.85 -11.48
C ASP C 135 39.11 14.51 -11.89
N MET C 136 38.48 13.61 -11.12
CA MET C 136 37.11 13.13 -11.40
C MET C 136 36.08 14.25 -11.21
N GLU C 137 36.12 14.92 -10.06
CA GLU C 137 35.29 16.10 -9.80
C GLU C 137 35.45 17.15 -10.90
N ASP C 138 36.69 17.36 -11.34
CA ASP C 138 37.01 18.38 -12.33
C ASP C 138 36.53 18.04 -13.73
N LEU C 139 36.70 16.80 -14.15
CA LEU C 139 36.15 16.33 -15.43
C LEU C 139 34.62 16.33 -15.45
N VAL C 140 33.99 15.93 -14.36
CA VAL C 140 32.53 15.91 -14.25
C VAL C 140 31.94 17.32 -14.31
N ALA C 141 32.37 18.22 -13.42
CA ALA C 141 31.93 19.60 -13.43
C ALA C 141 32.06 20.22 -14.82
N PHE C 142 33.26 20.13 -15.38
CA PHE C 142 33.50 20.64 -16.72
C PHE C 142 32.55 20.04 -17.73
N ILE C 143 32.35 18.72 -17.67
CA ILE C 143 31.44 18.05 -18.62
C ILE C 143 29.98 18.38 -18.29
N ALA C 144 29.65 18.45 -17.01
CA ALA C 144 28.28 18.70 -16.60
C ALA C 144 27.80 20.06 -17.11
N ASN C 145 28.66 21.08 -16.99
CA ASN C 145 28.43 22.41 -17.54
C ASN C 145 28.09 22.40 -19.03
N LYS C 146 28.76 21.53 -19.80
CA LYS C 146 28.44 21.34 -21.21
C LYS C 146 27.00 20.88 -21.46
N SER C 147 26.30 20.57 -20.36
CA SER C 147 24.86 20.32 -20.39
C SER C 147 24.08 21.40 -19.61
N ASP C 148 24.68 22.56 -19.37
CA ASP C 148 23.99 23.66 -18.68
C ASP C 148 22.83 24.18 -19.54
N GLY C 149 21.61 23.89 -19.10
CA GLY C 149 20.42 24.23 -19.88
C GLY C 149 19.68 22.99 -20.38
N VAL C 150 20.42 22.08 -21.02
CA VAL C 150 19.82 20.84 -21.52
C VAL C 150 18.99 20.18 -20.42
N LYS C 151 17.71 19.95 -20.71
CA LYS C 151 16.81 19.30 -19.76
C LYS C 151 17.15 17.81 -19.66
N ILE C 152 17.06 17.26 -18.46
CA ILE C 152 17.47 15.88 -18.19
C ILE C 152 16.58 14.90 -18.93
N LYS C 153 17.20 13.93 -19.61
CA LYS C 153 16.44 12.87 -20.24
C LYS C 153 17.29 11.61 -20.50
N VAL C 154 17.05 10.56 -19.70
CA VAL C 154 17.61 9.25 -19.97
C VAL C 154 16.52 8.28 -20.45
N ALA C 155 16.66 7.80 -21.67
CA ALA C 155 15.68 6.89 -22.26
C ALA C 155 16.06 5.46 -21.91
N LEU C 156 15.16 4.78 -21.18
CA LEU C 156 15.34 3.37 -20.82
C LEU C 156 15.00 2.47 -22.00
N ALA C 157 15.81 2.58 -23.06
CA ALA C 157 15.59 1.86 -24.31
C ALA C 157 15.94 0.38 -24.19
N THR C 158 17.20 0.10 -23.84
CA THR C 158 17.73 -1.24 -23.70
C THR C 158 17.16 -1.95 -22.47
N PRO C 159 17.03 -3.30 -22.54
CA PRO C 159 16.69 -4.16 -21.40
C PRO C 159 17.61 -3.99 -20.18
N GLN C 160 18.92 -3.82 -20.43
CA GLN C 160 19.89 -3.58 -19.37
C GLN C 160 19.59 -2.32 -18.57
N GLU C 161 19.11 -1.27 -19.26
CA GLU C 161 18.72 -0.01 -18.62
C GLU C 161 17.39 -0.17 -17.90
N LYS C 162 16.58 -1.14 -18.36
CA LYS C 162 15.29 -1.46 -17.78
C LYS C 162 15.47 -2.09 -16.40
N GLU C 163 16.34 -3.09 -16.32
CA GLU C 163 16.62 -3.81 -15.07
C GLU C 163 17.42 -2.94 -14.08
N MET C 164 18.35 -2.13 -14.59
CA MET C 164 19.15 -1.25 -13.75
C MET C 164 18.33 -0.08 -13.21
N TYR C 165 17.22 0.22 -13.87
CA TYR C 165 16.28 1.20 -13.32
C TYR C 165 15.48 0.54 -12.20
N ALA C 166 15.14 -0.72 -12.43
CA ALA C 166 14.41 -1.51 -11.43
C ALA C 166 15.32 -1.75 -10.24
N ILE C 167 16.54 -2.21 -10.48
CA ILE C 167 17.54 -2.42 -9.42
C ILE C 167 17.70 -1.16 -8.57
N GLY C 168 17.86 -0.01 -9.24
CA GLY C 168 17.97 1.29 -8.58
C GLY C 168 16.75 1.74 -7.80
N GLU C 169 15.57 1.37 -8.27
CA GLU C 169 14.32 1.59 -7.55
C GLU C 169 14.31 0.80 -6.24
N ALA C 170 14.50 -0.52 -6.34
CA ALA C 170 14.61 -1.38 -5.17
C ALA C 170 15.56 -0.81 -4.10
N LEU C 171 16.72 -0.31 -4.50
CA LEU C 171 17.74 0.18 -3.56
C LEU C 171 17.30 1.43 -2.82
N PHE C 172 16.60 2.31 -3.54
CA PHE C 172 15.99 3.50 -2.96
C PHE C 172 15.07 3.11 -1.82
N PHE C 173 14.45 1.93 -1.96
CA PHE C 173 13.47 1.43 -1.00
C PHE C 173 14.03 0.37 -0.07
N ARG C 174 15.18 -0.19 -0.43
CA ARG C 174 15.90 -1.18 0.37
C ARG C 174 16.36 -0.60 1.70
N ARG C 175 15.70 -1.02 2.79
CA ARG C 175 16.06 -0.58 4.13
C ARG C 175 17.08 -1.52 4.75
N SER C 176 18.25 -1.00 5.12
CA SER C 176 19.35 -1.84 5.61
C SER C 176 20.13 -1.25 6.78
N SER C 177 20.96 -2.09 7.39
CA SER C 177 21.86 -1.71 8.49
C SER C 177 21.08 -1.38 9.77
N ILE C 178 21.75 -0.80 10.76
CA ILE C 178 21.25 -0.71 12.14
C ILE C 178 20.37 0.50 12.45
N ASN C 179 19.94 1.20 11.39
CA ASN C 179 18.95 2.29 11.51
C ASN C 179 17.60 2.03 10.85
N ASP C 180 17.47 0.87 10.18
CA ASP C 180 16.29 0.59 9.32
C ASP C 180 16.13 1.62 8.19
N PHE C 181 17.25 2.16 7.71
CA PHE C 181 17.21 3.26 6.74
C PHE C 181 17.27 2.80 5.28
N SER C 182 16.48 3.49 4.46
CA SER C 182 16.63 3.47 3.00
C SER C 182 16.59 4.93 2.58
N CYS C 183 16.95 5.19 1.32
CA CYS C 183 16.89 6.56 0.77
C CYS C 183 15.49 7.15 0.93
N SER C 184 14.49 6.27 0.80
CA SER C 184 13.08 6.67 0.85
C SER C 184 12.56 6.92 2.26
N THR C 185 13.36 6.60 3.28
CA THR C 185 13.01 6.93 4.66
C THR C 185 12.66 8.42 4.75
N CYS C 186 13.48 9.23 4.10
CA CYS C 186 13.47 10.67 4.23
C CYS C 186 13.04 11.38 2.96
N HIS C 187 13.26 10.73 1.80
CA HIS C 187 12.94 11.31 0.51
C HIS C 187 11.78 10.59 -0.16
N GLY C 188 10.87 10.07 0.64
CA GLY C 188 9.68 9.41 0.12
C GLY C 188 8.40 10.15 0.45
N ALA C 189 8.54 11.37 0.94
CA ALA C 189 7.39 12.22 1.30
C ALA C 189 7.80 13.70 1.25
N ALA C 190 7.17 14.45 0.36
CA ALA C 190 7.42 15.88 0.21
C ALA C 190 7.08 16.68 1.46
N GLY C 191 7.72 17.85 1.59
CA GLY C 191 7.40 18.83 2.63
C GLY C 191 8.02 18.59 4.00
N LYS C 192 8.59 17.40 4.19
CA LYS C 192 9.19 17.03 5.47
CA LYS C 192 9.20 17.02 5.46
C LYS C 192 10.57 17.66 5.64
N ARG C 193 11.18 17.44 6.80
CA ARG C 193 12.53 17.97 7.07
C ARG C 193 13.26 17.23 8.18
N ILE C 194 14.59 17.24 8.06
CA ILE C 194 15.47 16.78 9.10
C ILE C 194 16.17 18.00 9.66
N ARG C 195 15.89 18.31 10.93
CA ARG C 195 16.23 19.60 11.54
C ARG C 195 15.70 20.70 10.63
N LEU C 196 16.60 21.48 10.02
CA LEU C 196 16.18 22.52 9.07
C LEU C 196 16.54 22.14 7.64
N GLN C 197 17.07 20.93 7.47
CA GLN C 197 17.36 20.43 6.13
C GLN C 197 16.05 20.01 5.53
N ALA C 198 15.64 20.73 4.48
CA ALA C 198 14.43 20.42 3.73
C ALA C 198 14.65 19.13 2.93
N LEU C 199 13.73 18.18 3.12
CA LEU C 199 13.83 16.90 2.44
C LEU C 199 13.15 16.91 1.10
N PRO C 200 13.94 16.71 0.02
CA PRO C 200 13.39 16.62 -1.32
C PRO C 200 12.83 15.23 -1.55
N GLN C 201 11.54 15.12 -1.87
CA GLN C 201 10.94 13.85 -2.23
C GLN C 201 11.50 13.36 -3.56
N LEU C 202 11.77 12.06 -3.66
CA LEU C 202 12.44 11.48 -4.82
C LEU C 202 11.84 10.14 -5.30
N ASP C 203 10.84 9.62 -4.60
CA ASP C 203 10.24 8.33 -4.96
C ASP C 203 9.27 8.45 -6.16
N VAL C 204 8.89 9.68 -6.51
CA VAL C 204 8.05 9.93 -7.67
C VAL C 204 8.77 10.85 -8.66
N PRO C 205 8.44 10.74 -9.97
CA PRO C 205 8.87 11.79 -10.91
C PRO C 205 8.05 13.05 -10.69
N GLY C 206 8.71 14.11 -10.23
CA GLY C 206 8.05 15.38 -9.90
C GLY C 206 9.06 16.50 -9.76
N LYS C 207 8.59 17.70 -9.41
CA LYS C 207 9.43 18.90 -9.38
C LYS C 207 10.53 18.86 -8.30
N ASP C 208 10.29 18.08 -7.24
CA ASP C 208 11.31 17.82 -6.23
C ASP C 208 12.48 17.00 -6.79
N ALA C 209 12.19 16.20 -7.82
CA ALA C 209 13.22 15.38 -8.45
C ALA C 209 13.88 16.11 -9.61
N GLN C 210 13.09 16.92 -10.32
CA GLN C 210 13.62 17.74 -11.39
C GLN C 210 14.62 18.77 -10.88
N LEU C 211 14.35 19.33 -9.70
CA LEU C 211 15.19 20.37 -9.06
C LEU C 211 16.37 19.79 -8.27
N THR C 212 16.30 18.50 -7.97
CA THR C 212 17.37 17.83 -7.24
C THR C 212 18.52 17.46 -8.19
N MET C 213 18.23 16.64 -9.19
CA MET C 213 19.27 16.11 -10.09
C MET C 213 19.79 17.15 -11.09
N ALA C 214 19.05 18.24 -11.24
CA ALA C 214 19.42 19.29 -12.19
C ALA C 214 20.42 20.30 -11.63
N THR C 215 21.00 19.98 -10.47
CA THR C 215 21.91 20.88 -9.77
C THR C 215 23.16 20.17 -9.23
N TRP C 216 23.36 18.93 -9.66
CA TRP C 216 24.59 18.20 -9.39
C TRP C 216 25.40 18.14 -10.67
N PRO C 217 26.71 18.46 -10.61
CA PRO C 217 27.54 18.73 -9.44
C PRO C 217 27.25 20.07 -8.76
N THR C 218 27.59 20.14 -7.47
CA THR C 218 27.38 21.33 -6.67
C THR C 218 28.63 21.69 -5.85
N TYR C 219 28.99 22.97 -5.87
CA TYR C 219 29.99 23.48 -4.93
C TYR C 219 29.34 23.63 -3.56
N ARG C 220 29.61 22.63 -2.71
CA ARG C 220 29.09 22.58 -1.34
C ARG C 220 29.88 23.51 -0.41
N VAL C 221 29.27 24.63 -0.02
CA VAL C 221 29.94 25.59 0.88
C VAL C 221 30.15 24.96 2.26
N SER C 222 29.12 24.28 2.76
CA SER C 222 29.20 23.44 3.96
C SER C 222 30.42 22.48 4.03
N GLN C 223 31.05 22.22 2.88
CA GLN C 223 32.22 21.32 2.82
C GLN C 223 33.51 21.97 2.30
N SER C 224 33.36 23.06 1.54
CA SER C 224 34.47 23.77 0.87
C SER C 224 34.90 23.14 -0.45
N ALA C 225 33.99 22.42 -1.10
CA ALA C 225 34.34 21.71 -2.34
C ALA C 225 33.15 21.42 -3.26
N LEU C 226 33.45 21.23 -4.55
CA LEU C 226 32.45 20.82 -5.51
C LEU C 226 32.30 19.30 -5.47
N ARG C 227 31.09 18.84 -5.15
CA ARG C 227 30.81 17.41 -5.00
C ARG C 227 29.99 16.88 -6.16
N THR C 228 30.26 15.64 -6.54
CA THR C 228 29.48 14.95 -7.56
C THR C 228 28.46 14.03 -6.89
N MET C 229 27.62 13.39 -7.72
CA MET C 229 26.64 12.44 -7.23
C MET C 229 27.31 11.16 -6.72
N GLN C 230 28.56 10.95 -7.09
CA GLN C 230 29.33 9.86 -6.48
C GLN C 230 29.51 10.15 -5.00
N HIS C 231 29.80 11.42 -4.68
CA HIS C 231 29.97 11.83 -3.30
C HIS C 231 28.68 11.67 -2.50
N ARG C 232 27.57 12.14 -3.07
CA ARG C 232 26.25 12.03 -2.42
C ARG C 232 25.88 10.59 -2.03
N MET C 233 25.87 9.69 -3.02
CA MET C 233 25.60 8.27 -2.79
C MET C 233 26.50 7.70 -1.68
N TRP C 234 27.79 8.05 -1.72
CA TRP C 234 28.78 7.61 -0.71
C TRP C 234 28.51 8.20 0.68
N ASP C 235 28.17 9.49 0.73
CA ASP C 235 27.88 10.13 2.01
C ASP C 235 26.54 9.68 2.59
N MET C 236 25.49 9.65 1.76
CA MET C 236 24.17 9.24 2.24
C MET C 236 24.19 7.81 2.82
N TYR C 237 24.90 6.89 2.15
CA TYR C 237 25.10 5.53 2.68
C TYR C 237 25.82 5.50 4.03
N ARG C 238 26.80 6.40 4.19
CA ARG C 238 27.51 6.55 5.46
C ARG C 238 26.53 6.82 6.59
N GLN C 239 25.64 7.76 6.36
CA GLN C 239 24.59 8.15 7.28
C GLN C 239 23.58 7.02 7.51
N MET C 240 23.35 6.20 6.49
CA MET C 240 22.46 5.05 6.61
C MET C 240 23.08 3.93 7.46
N ARG C 241 24.24 4.24 8.04
CA ARG C 241 25.07 3.29 8.79
C ARG C 241 25.55 2.12 7.91
N MET C 242 25.52 2.34 6.60
CA MET C 242 26.00 1.40 5.60
C MET C 242 27.47 1.60 5.32
N PRO C 243 28.22 0.51 5.09
CA PRO C 243 29.59 0.65 4.61
C PRO C 243 29.62 1.47 3.33
N ALA C 244 30.78 2.05 3.02
CA ALA C 244 30.97 2.77 1.77
C ALA C 244 30.95 1.83 0.58
N PRO C 245 30.14 2.16 -0.45
CA PRO C 245 30.19 1.43 -1.72
C PRO C 245 31.52 1.65 -2.40
N ASP C 246 31.93 0.68 -3.23
CA ASP C 246 33.08 0.86 -4.10
C ASP C 246 32.77 2.00 -5.07
N TYR C 247 33.75 2.83 -5.33
CA TYR C 247 33.60 3.93 -6.28
C TYR C 247 33.43 3.34 -7.67
N ALA C 248 32.45 3.86 -8.41
CA ALA C 248 32.15 3.40 -9.78
C ALA C 248 31.57 1.98 -9.77
N SER C 249 30.80 1.68 -8.73
CA SER C 249 30.19 0.37 -8.56
C SER C 249 28.79 0.36 -9.16
N GLU C 250 28.38 -0.82 -9.61
CA GLU C 250 27.10 -1.03 -10.29
C GLU C 250 25.90 -0.43 -9.55
N ALA C 251 25.97 -0.39 -8.22
CA ALA C 251 24.90 0.20 -7.40
C ALA C 251 24.83 1.73 -7.50
N VAL C 252 25.98 2.41 -7.54
CA VAL C 252 25.97 3.86 -7.61
C VAL C 252 25.27 4.29 -8.92
N THR C 253 25.51 3.52 -9.97
CA THR C 253 24.87 3.72 -11.29
C THR C 253 23.36 3.49 -11.24
N ALA C 254 22.95 2.30 -10.79
CA ALA C 254 21.53 1.92 -10.73
C ALA C 254 20.70 2.91 -9.93
N LEU C 255 21.22 3.33 -8.77
CA LEU C 255 20.59 4.39 -7.99
C LEU C 255 20.55 5.73 -8.74
N THR C 256 21.63 6.05 -9.46
CA THR C 256 21.75 7.30 -10.24
C THR C 256 20.85 7.30 -11.47
N LEU C 257 20.73 6.14 -12.12
CA LEU C 257 19.83 5.95 -13.26
C LEU C 257 18.36 5.98 -12.86
N TYR C 258 18.08 5.67 -11.59
CA TYR C 258 16.73 5.71 -11.06
C TYR C 258 16.28 7.15 -10.80
N LEU C 259 17.19 7.97 -10.29
CA LEU C 259 16.83 9.34 -9.90
C LEU C 259 16.82 10.26 -11.12
N THR C 260 17.71 9.96 -12.06
CA THR C 260 17.78 10.68 -13.33
C THR C 260 16.49 10.42 -14.14
N LYS C 261 15.91 9.22 -13.99
CA LYS C 261 14.58 8.92 -14.54
C LYS C 261 13.49 9.76 -13.87
N GLN C 262 13.73 10.15 -12.62
CA GLN C 262 12.73 10.88 -11.85
C GLN C 262 12.77 12.35 -12.18
N ALA C 263 13.98 12.84 -12.44
CA ALA C 263 14.22 14.23 -12.78
C ALA C 263 14.04 14.48 -14.28
N GLU C 264 13.69 13.42 -15.01
CA GLU C 264 13.45 13.50 -16.45
C GLU C 264 12.68 14.77 -16.77
N GLY C 265 13.38 15.76 -17.31
CA GLY C 265 12.75 17.01 -17.73
C GLY C 265 13.29 18.26 -17.08
N GLY C 266 13.97 18.11 -15.95
CA GLY C 266 14.55 19.26 -15.24
C GLY C 266 15.71 19.85 -16.01
N GLU C 267 15.77 21.19 -16.08
CA GLU C 267 16.84 21.87 -16.81
C GLU C 267 18.05 22.06 -15.92
N LEU C 268 19.23 21.76 -16.47
CA LEU C 268 20.46 21.76 -15.69
C LEU C 268 21.01 23.16 -15.43
N LYS C 269 21.22 23.49 -14.17
CA LYS C 269 21.88 24.73 -13.78
C LYS C 269 23.14 24.31 -13.02
N VAL C 270 24.11 23.79 -13.77
CA VAL C 270 25.32 23.18 -13.20
C VAL C 270 26.61 23.88 -13.66
N PRO C 271 27.60 24.02 -12.75
CA PRO C 271 27.57 23.62 -11.34
C PRO C 271 26.76 24.57 -10.47
N SER C 272 26.22 24.05 -9.37
CA SER C 272 25.37 24.81 -8.47
C SER C 272 26.12 25.22 -7.21
N ILE C 273 25.39 25.68 -6.19
CA ILE C 273 25.96 26.05 -4.89
C ILE C 273 25.09 25.56 -3.73
N LYS C 274 25.75 24.92 -2.76
CA LYS C 274 25.10 24.40 -1.56
C LYS C 274 26.02 24.65 -0.36
N SER D 29 2.70 -5.67 -12.61
CA SER D 29 3.15 -5.50 -11.20
C SER D 29 4.66 -5.57 -11.06
N ALA D 30 5.22 -4.81 -10.12
CA ALA D 30 6.66 -4.73 -9.92
C ALA D 30 7.19 -5.92 -9.11
N VAL D 31 8.05 -6.70 -9.74
CA VAL D 31 8.61 -7.94 -9.16
C VAL D 31 10.08 -8.09 -9.54
N ASP D 32 10.93 -7.21 -8.98
CA ASP D 32 12.38 -7.24 -9.23
C ASP D 32 12.99 -8.64 -9.14
N PRO D 33 13.72 -9.07 -10.18
CA PRO D 33 14.40 -10.38 -10.23
C PRO D 33 15.33 -10.63 -9.05
N ALA D 34 15.72 -11.90 -8.85
CA ALA D 34 16.56 -12.29 -7.71
C ALA D 34 17.98 -11.71 -7.78
N ARG D 35 18.10 -10.56 -8.45
CA ARG D 35 19.37 -9.94 -8.83
C ARG D 35 19.78 -8.73 -8.00
N VAL D 36 18.82 -8.06 -7.38
CA VAL D 36 19.12 -6.89 -6.54
C VAL D 36 20.05 -7.28 -5.40
N ASP D 37 19.86 -8.49 -4.86
CA ASP D 37 20.77 -9.10 -3.89
C ASP D 37 22.19 -9.27 -4.44
N ALA D 38 22.29 -9.58 -5.73
CA ALA D 38 23.55 -9.87 -6.38
C ALA D 38 24.40 -8.61 -6.53
N VAL D 39 23.79 -7.54 -7.05
CA VAL D 39 24.41 -6.21 -7.11
C VAL D 39 24.98 -5.76 -5.76
N VAL D 40 24.20 -5.95 -4.69
CA VAL D 40 24.62 -5.58 -3.32
C VAL D 40 26.06 -6.01 -3.02
N LYS D 41 26.35 -7.30 -3.24
CA LYS D 41 27.65 -7.85 -2.86
C LYS D 41 28.75 -7.51 -3.85
N THR D 42 28.39 -7.02 -5.04
CA THR D 42 29.36 -6.56 -6.03
C THR D 42 29.78 -5.11 -5.75
N SER D 43 28.87 -4.36 -5.12
CA SER D 43 29.03 -2.92 -4.98
C SER D 43 29.77 -2.49 -3.73
N PHE D 44 29.53 -3.20 -2.65
CA PHE D 44 30.22 -2.98 -1.38
C PHE D 44 31.21 -4.12 -1.19
N THR D 45 32.51 -3.81 -1.23
CA THR D 45 33.55 -4.83 -1.04
C THR D 45 34.50 -4.55 0.12
N LYS D 46 34.61 -3.28 0.50
CA LYS D 46 35.48 -2.88 1.59
C LYS D 46 34.67 -2.71 2.87
N LEU D 47 34.52 -3.81 3.60
CA LEU D 47 33.74 -3.85 4.84
C LEU D 47 34.68 -4.12 6.01
N PRO D 48 34.49 -3.39 7.13
CA PRO D 48 35.16 -3.73 8.40
C PRO D 48 34.63 -5.07 8.91
N GLU D 49 35.46 -5.86 9.61
CA GLU D 49 34.97 -7.18 10.06
C GLU D 49 33.84 -7.03 11.07
N GLY D 50 32.88 -7.93 10.99
CA GLY D 50 31.67 -7.85 11.79
C GLY D 50 30.61 -6.96 11.16
N TRP D 51 30.87 -6.49 9.94
CA TRP D 51 29.94 -5.62 9.22
C TRP D 51 29.23 -6.37 8.10
N GLU D 52 29.26 -7.71 8.17
CA GLU D 52 28.55 -8.57 7.24
C GLU D 52 27.05 -8.43 7.46
N SER D 53 26.65 -8.42 8.74
CA SER D 53 25.25 -8.26 9.15
C SER D 53 24.68 -6.86 8.92
N ARG D 54 25.44 -5.99 8.27
CA ARG D 54 24.93 -4.67 7.91
C ARG D 54 24.42 -4.64 6.47
N LEU D 55 24.84 -5.61 5.67
CA LEU D 55 24.33 -5.81 4.31
C LEU D 55 23.21 -6.86 4.28
N GLN D 56 23.02 -7.55 5.40
CA GLN D 56 22.02 -8.61 5.53
C GLN D 56 20.72 -8.05 6.09
N GLN D 57 19.62 -8.37 5.42
CA GLN D 57 18.29 -7.92 5.83
C GLN D 57 17.53 -9.01 6.53
N ASP D 58 16.97 -8.70 7.69
CA ASP D 58 16.03 -9.61 8.33
C ASP D 58 14.72 -9.59 7.54
N GLU D 59 13.81 -10.49 7.88
CA GLU D 59 12.56 -10.66 7.13
C GLU D 59 11.73 -9.38 7.04
N THR D 60 11.55 -8.71 8.16
CA THR D 60 10.72 -7.50 8.21
C THR D 60 11.30 -6.36 7.40
N GLN D 61 12.63 -6.24 7.38
CA GLN D 61 13.31 -5.23 6.57
C GLN D 61 12.98 -5.45 5.11
N ARG D 62 13.30 -6.66 4.64
CA ARG D 62 13.01 -7.09 3.27
C ARG D 62 11.56 -6.75 2.93
N ILE D 63 10.63 -7.08 3.84
CA ILE D 63 9.21 -6.75 3.62
C ILE D 63 8.97 -5.25 3.53
N CYS D 64 9.67 -4.46 4.34
CA CYS D 64 9.51 -3.00 4.33
C CYS D 64 10.11 -2.41 3.05
N SER D 65 11.00 -3.17 2.41
CA SER D 65 11.55 -2.77 1.12
C SER D 65 10.61 -3.13 -0.01
N VAL D 66 10.15 -4.38 -0.04
CA VAL D 66 9.34 -4.87 -1.15
CA VAL D 66 9.38 -4.94 -1.27
C VAL D 66 7.95 -4.20 -1.21
N THR D 67 7.42 -3.84 -0.04
CA THR D 67 6.14 -3.12 0.06
C THR D 67 6.29 -1.61 -0.07
N ARG D 68 7.50 -1.16 -0.43
CA ARG D 68 7.77 0.27 -0.60
C ARG D 68 7.41 1.01 0.68
N ASN D 69 7.68 0.34 1.79
CA ASN D 69 7.31 0.78 3.14
C ASN D 69 5.81 1.00 3.34
N ASN D 70 5.02 0.00 2.93
CA ASN D 70 3.55 0.08 2.94
C ASN D 70 2.94 -1.33 3.10
N PRO D 71 3.29 -2.02 4.21
CA PRO D 71 2.78 -3.39 4.33
C PRO D 71 1.28 -3.40 4.39
N SER D 72 0.68 -4.48 3.87
CA SER D 72 -0.74 -4.74 4.05
C SER D 72 -1.00 -4.87 5.55
N PRO D 73 -2.24 -4.57 5.99
CA PRO D 73 -2.59 -4.88 7.37
C PRO D 73 -2.25 -6.33 7.73
N GLU D 74 -2.51 -7.26 6.82
CA GLU D 74 -2.12 -8.68 7.00
C GLU D 74 -0.61 -8.82 7.19
N GLN D 75 0.17 -8.03 6.47
CA GLN D 75 1.63 -8.02 6.66
C GLN D 75 2.02 -7.19 7.88
N ALA D 76 1.25 -6.14 8.13
CA ALA D 76 1.45 -5.28 9.32
C ALA D 76 1.25 -6.05 10.62
N ALA D 77 0.21 -6.90 10.64
CA ALA D 77 -0.03 -7.80 11.77
C ALA D 77 1.11 -8.79 11.98
N ALA D 78 1.71 -9.24 10.88
CA ALA D 78 2.82 -10.18 10.98
C ALA D 78 4.06 -9.51 11.59
N ILE D 79 4.45 -8.37 11.01
CA ILE D 79 5.60 -7.58 11.44
C ILE D 79 5.57 -7.21 12.92
N MET D 80 4.39 -6.76 13.38
CA MET D 80 4.21 -6.27 14.74
C MET D 80 4.36 -7.37 15.78
N LYS D 81 3.88 -8.58 15.46
CA LYS D 81 4.10 -9.74 16.30
C LYS D 81 5.60 -10.04 16.43
N ALA D 82 6.26 -10.22 15.28
CA ALA D 82 7.64 -10.71 15.24
C ALA D 82 8.64 -9.80 15.97
N GLU D 83 8.36 -8.50 15.99
CA GLU D 83 9.25 -7.52 16.62
C GLU D 83 8.92 -7.32 18.10
N GLU D 84 7.68 -7.61 18.47
CA GLU D 84 7.21 -7.46 19.86
C GLU D 84 8.05 -8.27 20.84
N VAL D 85 8.29 -9.55 20.49
CA VAL D 85 8.99 -10.50 21.37
C VAL D 85 10.48 -10.22 21.47
N ARG D 86 10.93 -9.16 20.80
CA ARG D 86 12.33 -8.78 20.81
C ARG D 86 12.55 -7.63 21.79
N ILE D 87 11.45 -7.02 22.24
CA ILE D 87 11.50 -5.93 23.22
C ILE D 87 11.77 -6.46 24.63
N LYS D 88 12.83 -5.98 25.24
CA LYS D 88 13.14 -6.38 26.61
C LYS D 88 12.95 -5.20 27.53
N PHE D 89 11.91 -5.29 28.36
CA PHE D 89 11.59 -4.24 29.32
C PHE D 89 12.56 -4.29 30.49
N PRO D 90 12.80 -3.11 31.12
CA PRO D 90 13.60 -3.07 32.34
C PRO D 90 12.88 -3.79 33.46
N ALA D 91 13.65 -4.33 34.41
CA ALA D 91 13.10 -5.05 35.55
C ALA D 91 12.55 -4.09 36.60
N GLY D 92 12.99 -2.84 36.53
CA GLY D 92 12.64 -1.85 37.55
C GLY D 92 12.04 -0.60 36.92
N PRO D 93 12.61 0.57 37.24
CA PRO D 93 12.10 1.82 36.64
C PRO D 93 12.33 1.80 35.13
N VAL D 94 11.48 2.54 34.42
CA VAL D 94 11.61 2.66 32.98
CA VAL D 94 11.56 2.68 32.97
C VAL D 94 12.19 4.03 32.64
N LEU D 95 12.13 4.94 33.59
CA LEU D 95 12.64 6.31 33.46
C LEU D 95 14.06 6.44 33.99
N GLY D 96 14.95 7.02 33.18
CA GLY D 96 16.32 7.31 33.60
C GLY D 96 16.44 8.72 34.15
N SER D 97 17.47 9.45 33.73
CA SER D 97 17.65 10.86 34.10
C SER D 97 17.47 11.75 32.89
N TRP D 98 16.45 12.60 32.92
CA TRP D 98 16.07 13.40 31.76
C TRP D 98 17.26 14.15 31.15
N LYS D 99 18.19 14.55 32.03
CA LYS D 99 19.40 15.29 31.68
C LYS D 99 20.27 14.51 30.72
N ASP D 100 20.54 13.26 31.06
CA ASP D 100 21.31 12.34 30.23
C ASP D 100 20.53 12.05 28.95
N GLY D 101 19.20 12.04 29.06
CA GLY D 101 18.30 11.84 27.92
C GLY D 101 18.44 12.92 26.87
N ALA D 102 18.51 14.17 27.32
CA ALA D 102 18.67 15.32 26.43
C ALA D 102 19.82 15.10 25.46
N LYS D 103 20.88 14.45 25.97
CA LYS D 103 22.06 14.15 25.17
C LYS D 103 21.83 12.97 24.22
N VAL D 104 20.96 12.03 24.60
CA VAL D 104 20.57 10.97 23.67
C VAL D 104 19.87 11.60 22.47
N ALA D 105 18.80 12.35 22.77
CA ALA D 105 18.01 13.06 21.77
C ALA D 105 18.81 14.01 20.85
N GLN D 106 19.83 14.68 21.40
CA GLN D 106 20.71 15.55 20.61
C GLN D 106 21.72 14.77 19.76
N ASN D 107 22.33 13.75 20.35
CA ASN D 107 23.42 12.97 19.73
C ASN D 107 23.05 12.25 18.45
N GLY D 108 23.77 12.53 17.37
CA GLY D 108 23.53 11.92 16.08
C GLY D 108 24.63 10.98 15.59
N ARG D 109 25.70 10.84 16.40
CA ARG D 109 26.86 10.04 16.01
C ARG D 109 26.72 8.55 16.40
N GLY D 110 27.66 7.74 15.95
CA GLY D 110 27.67 6.30 16.26
C GLY D 110 27.04 5.44 15.19
N GLY D 111 27.86 4.56 14.57
CA GLY D 111 27.39 3.52 13.65
C GLY D 111 27.89 3.64 12.22
N GLN D 112 28.46 4.80 11.89
CA GLN D 112 28.94 5.08 10.53
C GLN D 112 30.39 4.63 10.40
N PHE D 113 30.81 4.33 9.17
CA PHE D 113 32.20 3.93 8.95
C PHE D 113 33.25 5.02 9.29
N SER D 114 32.77 6.18 9.73
CA SER D 114 33.64 7.34 10.02
C SER D 114 33.87 7.61 11.51
N ASP D 115 33.06 6.96 12.35
CA ASP D 115 33.19 7.10 13.80
C ASP D 115 34.25 6.11 14.31
N PRO D 116 35.26 6.62 15.04
CA PRO D 116 36.29 5.75 15.59
C PRO D 116 35.73 4.84 16.71
N PRO D 117 36.55 3.90 17.24
CA PRO D 117 36.06 2.95 18.25
C PRO D 117 35.83 3.61 19.60
N GLY D 118 34.76 3.20 20.27
CA GLY D 118 34.41 3.74 21.58
C GLY D 118 33.51 4.96 21.47
N THR D 119 33.01 5.23 20.26
CA THR D 119 32.02 6.28 20.09
C THR D 119 30.66 5.78 20.54
N VAL D 120 30.04 6.53 21.45
CA VAL D 120 28.68 6.25 21.88
C VAL D 120 27.72 6.56 20.74
N SER D 121 26.76 5.68 20.51
CA SER D 121 25.76 5.89 19.47
C SER D 121 24.69 6.86 19.96
N GLY D 122 24.27 7.76 19.08
CA GLY D 122 23.22 8.71 19.40
C GLY D 122 21.86 8.27 18.91
N GLY D 123 20.82 8.91 19.45
CA GLY D 123 19.43 8.70 19.01
C GLY D 123 19.05 9.60 17.86
N ASN D 124 19.76 10.72 17.71
CA ASN D 124 19.47 11.71 16.65
C ASN D 124 17.98 12.09 16.58
N CYS D 125 17.36 12.28 17.74
CA CYS D 125 15.90 12.47 17.84
C CYS D 125 15.41 13.79 17.25
N TYR D 126 16.24 14.81 17.35
CA TYR D 126 15.86 16.15 16.89
C TYR D 126 15.86 16.26 15.37
N ALA D 127 16.51 15.29 14.73
CA ALA D 127 16.48 15.19 13.28
C ALA D 127 15.04 14.95 12.76
N CYS D 128 14.15 14.46 13.62
CA CYS D 128 12.79 14.11 13.20
C CYS D 128 11.64 14.64 14.07
N HIS D 129 11.92 14.89 15.35
CA HIS D 129 10.87 15.22 16.32
C HIS D 129 11.06 16.59 16.96
N GLN D 130 9.96 17.32 17.13
CA GLN D 130 9.95 18.50 17.99
C GLN D 130 9.77 18.08 19.45
N LEU D 131 10.88 17.99 20.17
CA LEU D 131 10.84 17.60 21.58
C LEU D 131 10.72 18.83 22.47
N ASP D 132 11.87 19.39 22.87
CA ASP D 132 11.92 20.64 23.63
C ASP D 132 11.27 21.73 22.80
N PRO D 133 10.22 22.38 23.35
CA PRO D 133 9.48 23.43 22.64
C PRO D 133 10.35 24.63 22.29
N LYS D 134 11.24 25.02 23.23
CA LYS D 134 12.10 26.19 23.06
C LYS D 134 13.22 25.95 22.04
N GLU D 135 13.50 24.68 21.78
CA GLU D 135 14.47 24.28 20.77
C GLU D 135 13.87 24.53 19.39
N VAL D 136 14.62 25.24 18.55
CA VAL D 136 14.11 25.65 17.23
C VAL D 136 14.62 24.78 16.08
N SER D 137 15.59 23.92 16.37
CA SER D 137 16.14 23.01 15.37
C SER D 137 15.60 21.60 15.57
N TYR D 138 14.56 21.25 14.80
CA TYR D 138 13.90 19.95 14.92
C TYR D 138 13.26 19.51 13.60
N GLY D 139 13.30 18.21 13.34
CA GLY D 139 12.75 17.64 12.11
C GLY D 139 11.23 17.52 12.11
N THR D 140 10.68 17.11 10.98
CA THR D 140 9.22 16.98 10.81
C THR D 140 8.79 15.65 10.21
N LEU D 141 9.69 14.66 10.22
CA LEU D 141 9.42 13.33 9.67
C LEU D 141 8.51 12.50 10.54
N GLY D 142 8.75 12.56 11.84
CA GLY D 142 7.85 11.98 12.83
C GLY D 142 7.02 13.10 13.43
N PRO D 143 6.00 12.75 14.23
CA PRO D 143 5.15 13.76 14.89
C PRO D 143 5.96 14.62 15.86
N SER D 144 5.44 15.80 16.19
CA SER D 144 6.02 16.61 17.27
C SER D 144 5.77 15.93 18.62
N LEU D 145 6.75 16.01 19.51
CA LEU D 145 6.68 15.40 20.84
C LEU D 145 6.70 16.45 21.97
N VAL D 146 6.33 17.70 21.65
CA VAL D 146 6.16 18.74 22.65
C VAL D 146 5.12 18.31 23.67
N GLY D 147 5.46 18.43 24.95
CA GLY D 147 4.54 18.09 26.04
C GLY D 147 4.07 16.64 26.02
N TYR D 148 4.91 15.78 25.46
CA TYR D 148 4.58 14.38 25.25
C TYR D 148 4.26 13.63 26.54
N GLY D 149 5.05 13.85 27.58
CA GLY D 149 4.80 13.20 28.88
C GLY D 149 3.64 13.83 29.61
N ARG D 150 3.42 15.11 29.36
CA ARG D 150 2.44 15.91 30.09
C ARG D 150 0.99 15.68 29.63
N GLU D 151 0.77 15.69 28.32
CA GLU D 151 -0.56 15.45 27.75
C GLU D 151 -1.03 14.01 28.05
N ARG D 152 -0.14 13.23 28.65
CA ARG D 152 -0.44 11.86 29.08
C ARG D 152 -0.45 11.77 30.62
N ASN D 153 -0.39 12.94 31.25
CA ASN D 153 -0.41 13.08 32.72
C ASN D 153 0.70 12.31 33.44
N PHE D 154 1.84 12.18 32.76
CA PHE D 154 3.03 11.46 33.24
C PHE D 154 2.70 10.03 33.71
N SER D 155 1.88 9.35 32.91
CA SER D 155 1.40 8.00 33.17
C SER D 155 2.53 6.98 33.20
N ALA D 156 2.30 5.86 33.87
CA ALA D 156 3.26 4.76 33.94
C ALA D 156 2.93 3.65 32.92
N GLU D 157 1.73 3.70 32.36
CA GLU D 157 1.32 2.80 31.28
C GLU D 157 1.83 3.38 29.96
N ASP D 158 1.73 4.71 29.84
CA ASP D 158 2.24 5.42 28.68
C ASP D 158 3.78 5.43 28.66
N ALA D 159 4.40 5.68 29.81
CA ALA D 159 5.87 5.74 29.92
C ALA D 159 6.55 4.40 29.69
N LYS D 160 5.88 3.31 30.01
CA LYS D 160 6.40 1.97 29.69
C LYS D 160 6.24 1.66 28.20
N ILE D 161 5.24 2.29 27.58
CA ILE D 161 5.02 2.16 26.14
C ILE D 161 5.99 3.07 25.38
N ALA D 162 6.34 4.21 25.97
CA ALA D 162 7.36 5.07 25.37
C ALA D 162 8.67 4.28 25.25
N PHE D 163 8.97 3.45 26.24
CA PHE D 163 10.14 2.58 26.18
C PHE D 163 10.07 1.60 25.01
N ALA D 164 8.86 1.11 24.72
CA ALA D 164 8.63 0.15 23.64
C ALA D 164 8.92 0.72 22.25
N LYS D 165 8.44 1.95 21.99
CA LYS D 165 8.56 2.59 20.68
C LYS D 165 10.01 2.93 20.31
N VAL D 166 10.90 2.88 21.29
CA VAL D 166 12.32 3.17 21.09
C VAL D 166 13.13 1.89 20.88
N TYR D 167 12.78 0.83 21.60
CA TYR D 167 13.47 -0.45 21.50
C TYR D 167 13.16 -1.15 20.17
N ASP D 168 11.88 -1.19 19.82
CA ASP D 168 11.44 -1.68 18.52
C ASP D 168 10.24 -0.88 18.06
N ALA D 169 10.51 0.26 17.42
CA ALA D 169 9.47 1.15 16.89
C ALA D 169 8.47 0.50 15.93
N GLN D 170 8.78 -0.69 15.44
CA GLN D 170 7.94 -1.35 14.45
C GLN D 170 6.89 -2.28 15.05
N ALA D 171 7.09 -2.68 16.29
CA ALA D 171 6.25 -3.69 16.93
C ALA D 171 4.87 -3.14 17.27
N SER D 172 4.77 -1.82 17.46
CA SER D 172 3.48 -1.17 17.65
C SER D 172 3.09 -0.30 16.43
N LEU D 173 3.96 -0.25 15.43
CA LEU D 173 3.59 0.30 14.10
C LEU D 173 4.45 -0.27 12.96
N ALA D 174 3.92 -1.28 12.28
CA ALA D 174 4.60 -1.97 11.18
C ALA D 174 5.22 -1.04 10.14
N CYS D 175 6.50 -1.28 9.84
CA CYS D 175 7.30 -0.40 8.96
C CYS D 175 7.24 1.08 9.29
N SER D 176 7.29 1.38 10.58
CA SER D 176 7.59 2.74 11.03
CA SER D 176 7.79 2.60 11.16
C SER D 176 9.01 3.08 10.58
N SER D 177 9.23 4.33 10.19
CA SER D 177 10.50 4.73 9.62
C SER D 177 11.58 4.91 10.67
N MET D 178 11.15 4.99 11.94
CA MET D 178 12.03 5.08 13.09
C MET D 178 12.88 3.82 13.22
N PRO D 179 14.20 3.98 13.43
CA PRO D 179 15.11 2.85 13.62
C PRO D 179 14.72 2.01 14.82
N ARG D 180 15.09 0.74 14.80
CA ARG D 180 14.86 -0.12 15.94
C ARG D 180 16.10 -0.06 16.83
N PHE D 181 16.24 1.01 17.59
CA PHE D 181 17.48 1.30 18.34
C PHE D 181 17.89 0.11 19.22
N GLY D 182 17.13 -0.14 20.28
CA GLY D 182 17.42 -1.22 21.22
C GLY D 182 17.69 -2.52 20.50
N VAL D 183 16.67 -3.00 19.80
CA VAL D 183 16.76 -4.22 19.00
C VAL D 183 18.08 -4.34 18.24
N ASN D 184 18.46 -3.28 17.51
CA ASN D 184 19.67 -3.30 16.68
C ASN D 184 20.98 -3.13 17.46
N GLY D 185 20.88 -2.62 18.69
CA GLY D 185 22.05 -2.43 19.57
C GLY D 185 22.63 -1.01 19.54
N VAL D 186 21.94 -0.11 18.85
CA VAL D 186 22.36 1.30 18.77
C VAL D 186 22.47 1.92 20.18
N LEU D 187 21.34 2.06 20.85
CA LEU D 187 21.33 2.58 22.22
C LEU D 187 21.28 1.44 23.22
N THR D 188 22.05 1.60 24.29
CA THR D 188 21.99 0.70 25.44
C THR D 188 20.70 0.97 26.20
N GLU D 189 20.42 0.17 27.24
CA GLU D 189 19.21 0.33 28.05
C GLU D 189 19.10 1.68 28.80
N GLN D 190 20.20 2.17 29.36
CA GLN D 190 20.16 3.43 30.11
C GLN D 190 19.91 4.64 29.20
N GLN D 191 20.60 4.69 28.06
CA GLN D 191 20.33 5.66 27.02
C GLN D 191 18.83 5.72 26.68
N ILE D 192 18.21 4.55 26.54
CA ILE D 192 16.78 4.45 26.21
C ILE D 192 15.90 4.94 27.38
N LYS D 193 16.21 4.50 28.60
CA LYS D 193 15.46 4.92 29.77
C LYS D 193 15.53 6.43 30.01
N ASP D 194 16.71 7.02 29.76
CA ASP D 194 16.93 8.44 29.98
C ASP D 194 16.14 9.33 29.02
N VAL D 195 16.09 8.93 27.74
CA VAL D 195 15.32 9.65 26.73
CA VAL D 195 15.32 9.67 26.74
C VAL D 195 13.80 9.53 26.96
N VAL D 196 13.38 8.43 27.60
CA VAL D 196 11.98 8.27 27.98
CA VAL D 196 11.85 8.36 27.90
C VAL D 196 11.65 9.13 29.21
N ALA D 197 12.67 9.37 30.05
CA ALA D 197 12.57 10.35 31.12
C ALA D 197 12.56 11.76 30.52
N TYR D 198 13.39 11.96 29.51
CA TYR D 198 13.42 13.22 28.77
C TYR D 198 12.05 13.53 28.16
N LEU D 199 11.26 12.47 27.94
CA LEU D 199 9.89 12.59 27.46
C LEU D 199 8.84 12.58 28.58
N PHE D 200 9.13 11.91 29.70
CA PHE D 200 8.12 11.69 30.75
C PHE D 200 8.43 12.23 32.16
N ASP D 201 9.56 12.91 32.33
CA ASP D 201 9.87 13.59 33.60
C ASP D 201 9.38 15.05 33.58
N PRO D 202 8.59 15.44 34.61
CA PRO D 202 8.07 16.80 34.75
C PRO D 202 9.12 17.91 34.61
N GLU D 203 10.34 17.64 35.08
CA GLU D 203 11.40 18.66 35.08
C GLU D 203 11.96 18.88 33.68
N SER D 204 11.93 17.84 32.86
CA SER D 204 12.46 17.91 31.50
C SER D 204 11.88 19.07 30.70
N PRO D 205 12.74 19.86 30.04
CA PRO D 205 12.30 20.96 29.19
C PRO D 205 11.21 20.58 28.19
N VAL D 206 11.07 19.29 27.90
CA VAL D 206 10.05 18.82 26.96
C VAL D 206 8.63 19.13 27.44
N ASN D 207 8.48 19.29 28.76
CA ASN D 207 7.18 19.59 29.35
C ASN D 207 7.08 20.99 30.00
N LYS D 208 8.24 21.65 30.12
CA LYS D 208 8.33 23.04 30.60
C LYS D 208 7.56 24.03 29.73
FE HEC E . -19.34 -11.91 -2.57
CHA HEC E . -19.78 -14.92 -4.11
CHB HEC E . -19.29 -10.30 -5.58
CHC HEC E . -19.47 -8.88 -0.92
CHD HEC E . -18.56 -13.49 0.37
NA HEC E . -19.46 -12.51 -4.49
C1A HEC E . -19.75 -13.79 -4.90
C2A HEC E . -20.04 -13.76 -6.32
C3A HEC E . -19.91 -12.48 -6.74
C4A HEC E . -19.54 -11.66 -5.59
CMA HEC E . -20.12 -11.95 -8.18
CAA HEC E . -20.44 -15.00 -7.17
CBA HEC E . -19.33 -16.05 -7.15
CGA HEC E . -19.66 -17.25 -8.00
O1A HEC E . -20.75 -17.87 -7.82
O2A HEC E . -18.81 -17.60 -8.87
NB HEC E . -19.30 -9.92 -3.14
C1B HEC E . -19.42 -9.50 -4.45
C2B HEC E . -19.73 -8.09 -4.43
C3B HEC E . -19.79 -7.71 -3.15
C4B HEC E . -19.52 -8.84 -2.30
CMB HEC E . -19.94 -7.19 -5.67
CAB HEC E . -20.11 -6.28 -2.66
CBB HEC E . -21.63 -6.03 -2.80
NC HEC E . -18.99 -11.28 -0.64
C1C HEC E . -19.21 -10.01 -0.15
C2C HEC E . -19.09 -10.08 1.29
C3C HEC E . -18.90 -11.35 1.65
C4C HEC E . -18.79 -12.14 0.44
CMC HEC E . -19.31 -8.91 2.27
CAC HEC E . -18.75 -11.88 3.10
CBC HEC E . -20.14 -12.17 3.73
ND HEC E . -19.11 -13.94 -1.97
C1D HEC E . -18.96 -14.32 -0.65
C2D HEC E . -19.29 -15.74 -0.53
C3D HEC E . -19.68 -16.19 -1.94
C4D HEC E . -19.53 -14.99 -2.75
CMD HEC E . -19.28 -16.63 0.73
CAD HEC E . -20.11 -17.60 -2.38
CBD HEC E . -21.64 -17.63 -2.54
CGD HEC E . -22.08 -18.06 -3.91
O1D HEC E . -23.05 -18.85 -4.00
O2D HEC E . -21.48 -17.61 -4.93
FE HEC F . -11.35 -11.81 13.80
CHA HEC F . -7.97 -11.02 13.97
CHB HEC F . -11.20 -12.81 17.14
CHC HEC F . -14.73 -12.23 13.88
CHD HEC F . -11.33 -11.39 10.46
NA HEC F . -9.87 -11.85 15.28
C1A HEC F . -8.54 -11.55 15.11
C2A HEC F . -7.84 -11.87 16.36
C3A HEC F . -8.74 -12.36 17.21
C4A HEC F . -10.03 -12.37 16.56
CMA HEC F . -8.46 -12.85 18.67
CAA HEC F . -6.32 -11.69 16.62
CBA HEC F . -5.57 -12.65 15.69
CGA HEC F . -4.12 -12.88 16.05
O1A HEC F . -3.83 -13.25 17.21
O2A HEC F . -3.25 -12.71 15.15
NB HEC F . -12.75 -12.46 15.27
C1B HEC F . -12.47 -12.74 16.58
C2B HEC F . -13.71 -12.96 17.28
C3B HEC F . -14.71 -12.80 16.38
C4B HEC F . -14.11 -12.49 15.09
CMB HEC F . -13.85 -13.30 18.78
CAB HEC F . -16.22 -12.92 16.69
CBB HEC F . -16.68 -11.78 17.64
NC HEC F . -12.76 -11.87 12.43
C1C HEC F . -14.12 -11.95 12.67
C2C HEC F . -14.79 -11.75 11.39
C3C HEC F . -13.85 -11.44 10.47
C4C HEC F . -12.54 -11.55 11.10
CMC HEC F . -16.33 -11.71 11.23
CAC HEC F . -14.00 -11.13 8.95
CBC HEC F . -15.23 -10.27 8.56
ND HEC F . -9.83 -11.28 12.40
C1D HEC F . -10.09 -11.18 11.04
C2D HEC F . -8.86 -10.79 10.37
C3D HEC F . -7.81 -10.67 11.49
C4D HEC F . -8.52 -10.99 12.71
CMD HEC F . -8.63 -10.55 8.86
CAD HEC F . -6.30 -10.29 11.40
CBD HEC F . -6.15 -8.76 11.44
CGD HEC F . -6.32 -8.11 12.80
O1D HEC F . -7.34 -7.43 13.01
O2D HEC F . -5.43 -8.21 13.68
FE HEC G . 19.47 11.92 1.07
CHA HEC G . 19.89 15.21 0.20
CHB HEC G . 19.89 10.96 -2.19
CHC HEC G . 19.32 8.58 1.97
CHD HEC G . 18.97 12.80 4.36
NA HEC G . 19.85 12.89 -0.66
C1A HEC G . 19.93 14.26 -0.81
C2A HEC G . 20.10 14.54 -2.23
C3A HEC G . 20.10 13.37 -2.89
C4A HEC G . 19.94 12.31 -1.91
CMA HEC G . 20.24 13.14 -4.41
CAA HEC G . 20.24 15.94 -2.86
CBA HEC G . 18.94 16.72 -2.69
CGA HEC G . 19.02 18.10 -3.31
O1A HEC G . 19.78 18.27 -4.30
O2A HEC G . 18.31 19.01 -2.81
NB HEC G . 19.45 10.06 0.04
C1B HEC G . 19.91 9.95 -1.24
C2B HEC G . 20.47 8.63 -1.43
C3B HEC G . 20.33 7.96 -0.27
C4B HEC G . 19.66 8.85 0.67
CMB HEC G . 21.12 8.12 -2.74
CAB HEC G . 20.76 6.50 0.01
CBB HEC G . 22.29 6.27 -0.07
NC HEC G . 19.26 10.88 2.85
C1C HEC G . 19.07 9.52 2.96
C2C HEC G . 18.55 9.26 4.30
C3C HEC G . 18.50 10.42 4.96
C4C HEC G . 18.92 11.46 4.04
CMC HEC G . 18.22 7.84 4.86
CAC HEC G . 18.02 10.71 6.40
CBC HEC G . 18.88 10.09 7.52
ND HEC G . 19.49 13.75 2.14
C1D HEC G . 19.14 13.84 3.47
C2D HEC G . 18.99 15.24 3.82
C3D HEC G . 19.26 16.03 2.53
C4D HEC G . 19.56 15.01 1.53
CMD HEC G . 18.61 15.80 5.20
CAD HEC G . 19.19 17.57 2.41
CBD HEC G . 20.49 18.24 1.94
CGD HEC G . 21.74 17.69 2.58
O1D HEC G . 22.77 17.67 1.89
O2D HEC G . 21.72 17.30 3.79
FE HEC H . 10.61 8.68 16.89
CHA HEC H . 7.47 7.54 16.88
CHB HEC H . 10.35 9.34 20.27
CHC HEC H . 13.97 8.99 17.10
CHD HEC H . 10.75 8.67 13.47
NA HEC H . 9.17 8.45 18.36
C1A HEC H . 7.89 8.03 18.09
C2A HEC H . 7.07 8.20 19.28
C3A HEC H . 7.89 8.70 20.23
C4A HEC H . 9.21 8.86 19.67
CMA HEC H . 7.47 9.04 21.67
CAA HEC H . 5.57 7.84 19.44
CBA HEC H . 4.62 8.88 18.82
CGA HEC H . 3.16 8.48 18.99
O1A HEC H . 2.84 7.48 19.69
O2A HEC H . 2.28 9.18 18.42
NB HEC H . 11.94 9.24 18.43
C1B HEC H . 11.63 9.15 19.77
C2B HEC H . 12.84 8.80 20.48
C3B HEC H . 13.84 8.70 19.59
C4B HEC H . 13.29 8.99 18.29
CMB HEC H . 12.90 8.60 22.02
CAB HEC H . 15.34 8.36 19.81
CBB HEC H . 15.59 7.12 20.70
NC HEC H . 12.09 8.80 15.53
C1C HEC H . 13.43 8.95 15.83
C2C HEC H . 14.18 8.99 14.59
C3C HEC H . 13.28 8.97 13.58
C4C HEC H . 11.95 8.81 14.15
CMC HEC H . 15.70 9.25 14.50
CAC HEC H . 13.60 9.04 12.07
CBC HEC H . 14.23 7.74 11.56
ND HEC H . 9.31 8.13 15.37
C1D HEC H . 9.52 8.36 14.01
C2D HEC H . 8.24 8.23 13.34
C3D HEC H . 7.23 7.87 14.44
C4D HEC H . 7.98 7.84 15.65
CMD HEC H . 7.96 8.39 11.82
CAD HEC H . 5.69 7.58 14.32
CBD HEC H . 5.43 6.18 14.90
CGD HEC H . 4.27 6.08 15.84
O1D HEC H . 4.16 5.00 16.48
O2D HEC H . 3.41 7.02 15.97
#